data_4I9G
#
_entry.id   4I9G
#
_cell.length_a   114.368
_cell.length_b   71.196
_cell.length_c   94.621
_cell.angle_alpha   90.00
_cell.angle_beta   105.52
_cell.angle_gamma   90.00
#
_symmetry.space_group_name_H-M   'C 1 2 1'
#
loop_
_entity.id
_entity.type
_entity.pdbx_description
1 polymer 'Glycerol 3-phosphate phosphatase'
2 non-polymer 'MAGNESIUM ION'
3 water water
#
_entity_poly.entity_id   1
_entity_poly.type   'polypeptide(L)'
_entity_poly.pdbx_seq_one_letter_code
;MAHHHHHHMKSIAQEHDCLLIDLDGTVFCGRQPTGGAVQSLSQVRSRKLFVTNNASRSADEVAAHLCELGFTATGEDVVT
SAQSAAHLLAGQLAPGARVLIVGTEALANEVAAVGLRPVRRFEDRPDAVVQGLSMTTGWSDLAEAALAIRAGALWVAANV
DPTLPTERGLLPGNGSMVAALRTATGMDPRVAGKPAPALMTEAVARGDFRAALVVGDRLDTDIEGANAAGLPSLMVLTGV
NSAWDAVYAEPVRRPTYIGHDLRSLHQDSKLLAVAPQPGWQIDVGGGAVTVCANGDVDDLEFIDDGLSIVRAVASAVWEA
RAADLHQRPLRIEAGDERARAALQRWSLMRSDHPVTSVGTQ
;
_entity_poly.pdbx_strand_id   A,B
#
# COMPACT_ATOMS: atom_id res chain seq x y z
N HIS A 8 33.83 -33.39 27.75
CA HIS A 8 32.64 -33.86 26.98
C HIS A 8 31.49 -32.88 27.19
N MET A 9 30.91 -32.44 26.07
CA MET A 9 29.85 -31.44 26.11
C MET A 9 28.59 -31.93 25.42
N LYS A 10 27.60 -31.06 25.34
CA LYS A 10 26.25 -31.41 24.92
C LYS A 10 25.79 -30.43 23.83
N SER A 11 25.21 -30.96 22.75
CA SER A 11 24.82 -30.15 21.61
C SER A 11 23.54 -29.36 21.89
N ILE A 12 23.36 -28.26 21.18
CA ILE A 12 22.19 -27.39 21.34
C ILE A 12 20.86 -28.13 21.08
N ALA A 13 20.87 -29.02 20.11
CA ALA A 13 19.66 -29.80 19.75
C ALA A 13 19.28 -30.82 20.82
N GLN A 14 20.28 -31.37 21.49
CA GLN A 14 20.07 -32.31 22.60
C GLN A 14 19.48 -31.62 23.83
N GLU A 15 19.76 -30.33 23.97
CA GLU A 15 19.26 -29.52 25.07
C GLU A 15 17.79 -29.08 24.90
N HIS A 16 17.13 -29.51 23.82
CA HIS A 16 15.80 -29.01 23.50
C HIS A 16 14.79 -30.08 23.08
N ASP A 17 13.55 -29.89 23.53
CA ASP A 17 12.44 -30.81 23.24
C ASP A 17 12.09 -30.88 21.77
N CYS A 18 11.91 -29.71 21.16
CA CYS A 18 11.57 -29.64 19.74
C CYS A 18 12.17 -28.41 19.08
N LEU A 19 12.32 -28.48 17.76
CA LEU A 19 12.94 -27.43 16.97
C LEU A 19 11.92 -26.84 16.02
N LEU A 20 11.62 -25.56 16.22
CA LEU A 20 10.71 -24.82 15.34
C LEU A 20 11.54 -24.17 14.24
N ILE A 21 11.67 -24.89 13.13
CA ILE A 21 12.59 -24.52 12.06
C ILE A 21 11.87 -23.84 10.91
N ASP A 22 12.33 -22.64 10.57
CA ASP A 22 11.83 -21.90 9.40
C ASP A 22 12.23 -22.65 8.13
N LEU A 23 11.38 -22.61 7.11
CA LEU A 23 11.69 -23.26 5.85
C LEU A 23 12.61 -22.40 4.98
N ASP A 24 12.07 -21.30 4.49
CA ASP A 24 12.75 -20.53 3.45
C ASP A 24 13.86 -19.66 4.04
N GLY A 25 15.07 -19.87 3.52
CA GLY A 25 16.27 -19.19 3.98
C GLY A 25 17.01 -19.94 5.08
N THR A 26 16.44 -21.04 5.55
CA THR A 26 16.97 -21.78 6.69
C THR A 26 17.23 -23.26 6.33
N VAL A 27 16.16 -23.95 5.95
CA VAL A 27 16.26 -25.36 5.53
C VAL A 27 16.73 -25.44 4.08
N PHE A 28 15.97 -24.81 3.19
CA PHE A 28 16.31 -24.76 1.77
C PHE A 28 16.28 -23.32 1.29
N CYS A 29 16.96 -23.07 0.18
CA CYS A 29 16.99 -21.74 -0.42
C CYS A 29 16.44 -21.85 -1.85
N GLY A 30 15.10 -21.80 -1.94
CA GLY A 30 14.39 -21.94 -3.21
C GLY A 30 14.42 -23.36 -3.76
N ARG A 31 15.51 -23.69 -4.43
CA ARG A 31 15.65 -24.97 -5.14
C ARG A 31 16.53 -25.97 -4.39
N GLN A 32 17.60 -25.47 -3.77
CA GLN A 32 18.63 -26.31 -3.17
C GLN A 32 18.51 -26.28 -1.64
N PRO A 33 18.71 -27.45 -0.99
CA PRO A 33 18.86 -27.40 0.46
C PRO A 33 20.08 -26.57 0.86
N THR A 34 19.99 -25.88 1.99
CA THR A 34 21.11 -25.10 2.49
C THR A 34 22.22 -26.06 2.92
N GLY A 35 23.40 -25.51 3.19
CA GLY A 35 24.58 -26.30 3.51
C GLY A 35 24.38 -27.26 4.66
N GLY A 36 24.56 -28.55 4.38
CA GLY A 36 24.51 -29.59 5.41
C GLY A 36 23.17 -29.74 6.11
N ALA A 37 22.10 -29.27 5.46
CA ALA A 37 20.76 -29.26 6.06
C ALA A 37 20.21 -30.67 6.23
N VAL A 38 20.28 -31.45 5.16
CA VAL A 38 19.74 -32.82 5.14
C VAL A 38 20.48 -33.70 6.16
N GLN A 39 21.80 -33.60 6.16
CA GLN A 39 22.64 -34.40 7.06
C GLN A 39 22.46 -33.98 8.51
N SER A 40 22.20 -32.70 8.74
CA SER A 40 22.03 -32.20 10.11
C SER A 40 20.71 -32.67 10.70
N LEU A 41 19.62 -32.43 9.98
CA LEU A 41 18.27 -32.76 10.48
C LEU A 41 18.04 -34.27 10.64
N SER A 42 18.75 -35.06 9.84
CA SER A 42 18.71 -36.51 9.98
C SER A 42 19.35 -36.99 11.29
N GLN A 43 20.26 -36.19 11.84
CA GLN A 43 21.00 -36.56 13.05
C GLN A 43 20.40 -36.04 14.37
N VAL A 44 19.28 -35.32 14.32
CA VAL A 44 18.65 -34.81 15.55
C VAL A 44 17.59 -35.79 16.07
N ARG A 45 17.63 -36.05 17.39
CA ARG A 45 16.68 -36.93 18.06
C ARG A 45 15.37 -36.21 18.36
N SER A 46 15.50 -34.95 18.77
CA SER A 46 14.35 -34.13 19.17
C SER A 46 13.42 -33.82 18.00
N ARG A 47 12.25 -33.28 18.32
CA ARG A 47 11.15 -33.16 17.37
C ARG A 47 11.35 -31.96 16.41
N LYS A 48 11.36 -32.26 15.11
CA LYS A 48 11.54 -31.24 14.08
C LYS A 48 10.20 -30.82 13.47
N LEU A 49 9.75 -29.62 13.83
CA LEU A 49 8.58 -29.03 13.18
C LEU A 49 9.03 -27.96 12.20
N PHE A 50 8.43 -27.98 11.01
CA PHE A 50 8.81 -27.07 9.94
C PHE A 50 7.81 -25.93 9.82
N VAL A 51 8.22 -24.74 10.26
CA VAL A 51 7.36 -23.57 10.34
C VAL A 51 7.52 -22.67 9.13
N THR A 52 6.39 -22.25 8.56
CA THR A 52 6.38 -21.30 7.43
C THR A 52 5.30 -20.23 7.61
N ASN A 53 5.61 -19.02 7.17
CA ASN A 53 4.66 -17.91 7.18
C ASN A 53 3.81 -17.81 5.92
N ASN A 54 4.08 -18.67 4.93
CA ASN A 54 3.31 -18.67 3.68
C ASN A 54 2.02 -19.47 3.82
N ALA A 55 0.92 -18.90 3.31
CA ALA A 55 -0.40 -19.50 3.42
C ALA A 55 -0.97 -19.87 2.04
N SER A 56 -0.10 -20.36 1.16
CA SER A 56 -0.50 -20.74 -0.20
C SER A 56 -0.52 -22.26 -0.38
N ARG A 57 0.51 -22.93 0.14
CA ARG A 57 0.57 -24.39 0.16
C ARG A 57 -0.15 -24.95 1.38
N SER A 58 -0.68 -26.17 1.24
CA SER A 58 -1.20 -26.93 2.38
C SER A 58 -0.04 -27.60 3.10
N ALA A 59 -0.30 -28.09 4.31
CA ALA A 59 0.72 -28.76 5.12
C ALA A 59 1.32 -29.97 4.38
N ASP A 60 0.48 -30.71 3.67
CA ASP A 60 0.92 -31.86 2.87
C ASP A 60 1.74 -31.43 1.66
N GLU A 61 1.35 -30.32 1.02
CA GLU A 61 2.09 -29.78 -0.13
C GLU A 61 3.49 -29.31 0.28
N VAL A 62 3.62 -28.74 1.47
CA VAL A 62 4.90 -28.32 2.02
C VAL A 62 5.81 -29.54 2.25
N ALA A 63 5.25 -30.55 2.90
CA ALA A 63 5.98 -31.78 3.20
C ALA A 63 6.43 -32.52 1.95
N ALA A 64 5.59 -32.50 0.92
CA ALA A 64 5.92 -33.10 -0.38
C ALA A 64 7.13 -32.41 -0.99
N HIS A 65 7.15 -31.08 -0.92
CA HIS A 65 8.27 -30.27 -1.39
C HIS A 65 9.57 -30.59 -0.64
N LEU A 66 9.46 -30.86 0.65
CA LEU A 66 10.61 -31.21 1.48
C LEU A 66 11.14 -32.61 1.17
N CYS A 67 10.25 -33.54 0.83
CA CYS A 67 10.65 -34.89 0.44
C CYS A 67 11.45 -34.90 -0.87
N GLU A 68 11.08 -34.00 -1.79
CA GLU A 68 11.77 -33.87 -3.07
C GLU A 68 13.22 -33.40 -2.92
N LEU A 69 13.46 -32.47 -1.99
CA LEU A 69 14.80 -31.92 -1.75
C LEU A 69 15.71 -32.86 -0.95
N GLY A 70 15.15 -33.91 -0.37
CA GLY A 70 15.93 -34.93 0.33
C GLY A 70 15.61 -35.13 1.80
N PHE A 71 14.66 -34.34 2.32
CA PHE A 71 14.31 -34.42 3.74
C PHE A 71 13.22 -35.46 3.98
N THR A 72 13.20 -35.99 5.21
CA THR A 72 12.12 -36.83 5.69
C THR A 72 11.13 -35.92 6.42
N ALA A 73 9.92 -35.80 5.90
CA ALA A 73 8.89 -34.96 6.52
C ALA A 73 7.49 -35.31 6.07
N THR A 74 6.56 -35.34 7.02
CA THR A 74 5.14 -35.56 6.75
C THR A 74 4.37 -34.27 6.99
N GLY A 75 3.07 -34.28 6.70
CA GLY A 75 2.21 -33.12 6.90
C GLY A 75 2.06 -32.70 8.35
N GLU A 76 2.16 -33.66 9.26
CA GLU A 76 2.06 -33.39 10.69
C GLU A 76 3.28 -32.62 11.23
N ASP A 77 4.38 -32.67 10.49
CA ASP A 77 5.60 -31.95 10.85
C ASP A 77 5.57 -30.48 10.44
N VAL A 78 4.59 -30.09 9.63
CA VAL A 78 4.50 -28.73 9.11
C VAL A 78 3.53 -27.87 9.92
N VAL A 79 3.95 -26.64 10.21
CA VAL A 79 3.12 -25.65 10.87
C VAL A 79 3.04 -24.41 9.97
N THR A 80 1.85 -24.06 9.51
CA THR A 80 1.68 -22.93 8.60
C THR A 80 0.96 -21.77 9.29
N SER A 81 1.08 -20.59 8.68
CA SER A 81 0.37 -19.40 9.15
C SER A 81 -1.10 -19.47 8.76
N ALA A 82 -1.42 -20.29 7.76
CA ALA A 82 -2.80 -20.56 7.35
C ALA A 82 -3.55 -21.31 8.46
N GLN A 83 -2.86 -22.24 9.11
CA GLN A 83 -3.42 -22.97 10.25
C GLN A 83 -3.65 -22.03 11.43
N SER A 84 -2.64 -21.25 11.76
CA SER A 84 -2.71 -20.31 12.89
C SER A 84 -3.76 -19.23 12.66
N ALA A 85 -3.92 -18.80 11.40
CA ALA A 85 -4.93 -17.83 11.03
C ALA A 85 -6.34 -18.39 11.26
N ALA A 86 -6.54 -19.63 10.84
CA ALA A 86 -7.82 -20.31 11.00
C ALA A 86 -8.15 -20.49 12.48
N HIS A 87 -7.20 -21.03 13.23
CA HIS A 87 -7.35 -21.20 14.68
C HIS A 87 -7.72 -19.90 15.39
N LEU A 88 -7.04 -18.82 14.99
CA LEU A 88 -7.31 -17.48 15.52
C LEU A 88 -8.78 -17.10 15.30
N LEU A 89 -9.26 -17.30 14.08
CA LEU A 89 -10.63 -16.91 13.70
C LEU A 89 -11.68 -17.77 14.38
N ALA A 90 -11.45 -19.07 14.40
CA ALA A 90 -12.32 -20.00 15.11
C ALA A 90 -12.44 -19.60 16.58
N GLY A 91 -11.34 -19.11 17.14
CA GLY A 91 -11.29 -18.67 18.53
C GLY A 91 -12.06 -17.40 18.87
N GLN A 92 -12.60 -16.70 17.87
CA GLN A 92 -13.44 -15.52 18.13
C GLN A 92 -14.61 -15.33 17.15
N LEU A 93 -14.99 -16.41 16.47
CA LEU A 93 -16.17 -16.43 15.64
C LEU A 93 -17.02 -17.64 16.01
N ALA A 94 -18.34 -17.48 15.93
CA ALA A 94 -19.26 -18.58 16.17
C ALA A 94 -19.01 -19.70 15.17
N PRO A 95 -19.16 -20.97 15.59
CA PRO A 95 -19.03 -22.06 14.63
C PRO A 95 -19.96 -21.87 13.43
N GLY A 96 -19.43 -22.17 12.24
CA GLY A 96 -20.19 -21.99 11.00
C GLY A 96 -20.27 -20.55 10.53
N ALA A 97 -19.49 -19.66 11.16
CA ALA A 97 -19.43 -18.26 10.72
C ALA A 97 -18.71 -18.16 9.39
N ARG A 98 -19.19 -17.26 8.54
CA ARG A 98 -18.67 -17.12 7.18
C ARG A 98 -17.41 -16.26 7.16
N VAL A 99 -16.35 -16.82 6.57
CA VAL A 99 -15.06 -16.14 6.45
C VAL A 99 -14.68 -16.00 4.98
N LEU A 100 -14.58 -14.76 4.51
CA LEU A 100 -14.16 -14.49 3.13
C LEU A 100 -12.70 -14.85 2.96
N ILE A 101 -12.39 -15.61 1.92
CA ILE A 101 -11.03 -16.05 1.65
C ILE A 101 -10.40 -15.21 0.53
N VAL A 102 -9.22 -14.68 0.82
CA VAL A 102 -8.33 -14.14 -0.20
C VAL A 102 -7.08 -15.00 -0.15
N GLY A 103 -6.87 -15.82 -1.17
CA GLY A 103 -5.75 -16.75 -1.19
C GLY A 103 -6.11 -18.07 -1.85
N THR A 104 -5.24 -19.05 -1.67
CA THR A 104 -5.42 -20.37 -2.28
C THR A 104 -6.52 -21.16 -1.59
N GLU A 105 -6.98 -22.22 -2.26
CA GLU A 105 -7.96 -23.14 -1.67
C GLU A 105 -7.39 -23.85 -0.45
N ALA A 106 -6.06 -24.01 -0.42
CA ALA A 106 -5.36 -24.54 0.76
C ALA A 106 -5.62 -23.67 1.99
N LEU A 107 -5.73 -22.36 1.77
CA LEU A 107 -6.09 -21.42 2.83
C LEU A 107 -7.53 -21.68 3.27
N ALA A 108 -8.43 -21.76 2.29
CA ALA A 108 -9.85 -22.01 2.53
C ALA A 108 -10.10 -23.34 3.23
N ASN A 109 -9.31 -24.36 2.89
CA ASN A 109 -9.41 -25.68 3.51
C ASN A 109 -9.08 -25.64 5.00
N GLU A 110 -8.11 -24.83 5.38
CA GLU A 110 -7.76 -24.66 6.79
C GLU A 110 -8.89 -23.97 7.55
N VAL A 111 -9.58 -23.06 6.88
CA VAL A 111 -10.73 -22.36 7.48
C VAL A 111 -11.91 -23.33 7.64
N ALA A 112 -12.14 -24.14 6.63
CA ALA A 112 -13.17 -25.18 6.69
C ALA A 112 -12.90 -26.13 7.85
N ALA A 113 -11.65 -26.59 7.95
CA ALA A 113 -11.24 -27.59 8.94
C ALA A 113 -11.43 -27.19 10.41
N VAL A 114 -11.61 -25.90 10.68
CA VAL A 114 -11.88 -25.43 12.05
C VAL A 114 -13.37 -25.18 12.32
N GLY A 115 -14.23 -25.55 11.37
CA GLY A 115 -15.68 -25.45 11.56
C GLY A 115 -16.29 -24.10 11.15
N LEU A 116 -15.50 -23.27 10.48
CA LEU A 116 -16.01 -22.04 9.87
C LEU A 116 -16.30 -22.32 8.40
N ARG A 117 -17.09 -21.47 7.78
CA ARG A 117 -17.49 -21.66 6.38
C ARG A 117 -16.74 -20.72 5.44
N PRO A 118 -15.85 -21.27 4.60
CA PRO A 118 -15.11 -20.43 3.67
C PRO A 118 -16.01 -19.88 2.57
N VAL A 119 -15.72 -18.64 2.17
CA VAL A 119 -16.59 -17.87 1.28
C VAL A 119 -15.69 -17.02 0.38
N ARG A 120 -16.20 -16.60 -0.77
CA ARG A 120 -15.40 -15.84 -1.74
C ARG A 120 -15.99 -14.49 -2.18
N ARG A 121 -17.13 -14.07 -1.63
CA ARG A 121 -17.73 -12.81 -2.03
C ARG A 121 -18.66 -12.17 -0.99
N PHE A 122 -18.86 -10.86 -1.13
CA PHE A 122 -19.52 -10.03 -0.11
C PHE A 122 -21.04 -10.17 -0.08
N GLU A 123 -21.64 -10.70 -1.14
CA GLU A 123 -23.10 -10.93 -1.15
C GLU A 123 -23.47 -12.02 -0.14
N ASP A 124 -22.58 -13.01 0.01
CA ASP A 124 -22.62 -13.90 1.16
C ASP A 124 -22.14 -13.05 2.33
N ARG A 125 -22.64 -13.30 3.54
CA ARG A 125 -22.41 -12.39 4.66
C ARG A 125 -21.20 -12.79 5.52
N PRO A 126 -19.98 -12.35 5.14
CA PRO A 126 -18.81 -12.85 5.84
C PRO A 126 -18.50 -12.00 7.07
N ASP A 127 -18.37 -12.66 8.23
CA ASP A 127 -18.02 -11.96 9.46
C ASP A 127 -16.54 -11.59 9.50
N ALA A 128 -15.72 -12.28 8.71
CA ALA A 128 -14.28 -12.07 8.70
C ALA A 128 -13.66 -12.23 7.32
N VAL A 129 -12.53 -11.55 7.12
CA VAL A 129 -11.72 -11.68 5.91
C VAL A 129 -10.37 -12.24 6.30
N VAL A 130 -9.99 -13.36 5.71
CA VAL A 130 -8.65 -13.94 5.93
C VAL A 130 -7.86 -13.79 4.63
N GLN A 131 -6.65 -13.24 4.73
CA GLN A 131 -5.84 -12.93 3.56
C GLN A 131 -4.52 -13.69 3.53
N GLY A 132 -4.26 -14.31 2.38
CA GLY A 132 -2.99 -14.99 2.09
C GLY A 132 -2.68 -14.83 0.62
N LEU A 133 -1.42 -15.10 0.25
CA LEU A 133 -0.99 -14.92 -1.13
C LEU A 133 -1.49 -16.05 -2.03
N SER A 134 -2.06 -15.66 -3.17
CA SER A 134 -2.41 -16.60 -4.23
C SER A 134 -2.14 -15.89 -5.55
N MET A 135 -1.46 -16.58 -6.46
CA MET A 135 -0.97 -15.96 -7.69
C MET A 135 -2.06 -15.69 -8.74
N THR A 136 -3.29 -16.12 -8.45
CA THR A 136 -4.45 -15.80 -9.28
C THR A 136 -5.41 -14.82 -8.60
N THR A 137 -4.93 -14.16 -7.53
CA THR A 137 -5.72 -13.12 -6.87
C THR A 137 -5.75 -11.89 -7.76
N GLY A 138 -6.95 -11.35 -7.96
CA GLY A 138 -7.15 -10.22 -8.85
C GLY A 138 -7.90 -9.10 -8.18
N TRP A 139 -8.21 -8.06 -8.95
CA TRP A 139 -8.87 -6.87 -8.41
C TRP A 139 -10.27 -7.16 -7.87
N SER A 140 -11.05 -7.94 -8.63
CA SER A 140 -12.42 -8.28 -8.22
C SER A 140 -12.44 -9.01 -6.88
N ASP A 141 -11.39 -9.79 -6.61
CA ASP A 141 -11.24 -10.47 -5.33
C ASP A 141 -10.94 -9.49 -4.20
N LEU A 142 -10.08 -8.50 -4.48
CA LEU A 142 -9.78 -7.44 -3.52
C LEU A 142 -11.01 -6.56 -3.28
N ALA A 143 -11.77 -6.32 -4.35
CA ALA A 143 -13.02 -5.55 -4.25
C ALA A 143 -14.00 -6.20 -3.29
N GLU A 144 -14.16 -7.51 -3.38
CA GLU A 144 -15.03 -8.26 -2.47
C GLU A 144 -14.60 -8.06 -1.02
N ALA A 145 -13.30 -8.18 -0.78
CA ALA A 145 -12.73 -8.05 0.57
C ALA A 145 -12.78 -6.61 1.08
N ALA A 146 -12.61 -5.65 0.17
CA ALA A 146 -12.71 -4.23 0.53
C ALA A 146 -14.09 -3.93 1.10
N LEU A 147 -15.13 -4.48 0.48
CA LEU A 147 -16.51 -4.30 0.91
C LEU A 147 -16.78 -4.93 2.27
N ALA A 148 -16.20 -6.10 2.51
CA ALA A 148 -16.36 -6.81 3.79
C ALA A 148 -15.69 -6.03 4.92
N ILE A 149 -14.44 -5.62 4.69
CA ILE A 149 -13.66 -4.88 5.68
C ILE A 149 -14.34 -3.59 6.11
N ARG A 150 -14.89 -2.85 5.16
CA ARG A 150 -15.62 -1.61 5.45
C ARG A 150 -16.94 -1.86 6.18
N ALA A 151 -17.58 -3.00 5.90
CA ALA A 151 -18.81 -3.40 6.57
C ALA A 151 -18.57 -3.95 7.99
N GLY A 152 -17.35 -3.85 8.48
CA GLY A 152 -17.03 -4.22 9.87
C GLY A 152 -16.42 -5.60 10.04
N ALA A 153 -16.11 -6.27 8.93
CA ALA A 153 -15.60 -7.64 9.01
C ALA A 153 -14.19 -7.70 9.58
N LEU A 154 -13.97 -8.67 10.46
CA LEU A 154 -12.68 -8.90 11.12
C LEU A 154 -11.64 -9.36 10.10
N TRP A 155 -10.53 -8.63 10.02
CA TRP A 155 -9.54 -8.84 8.96
C TRP A 155 -8.24 -9.43 9.49
N VAL A 156 -7.86 -10.58 8.96
CA VAL A 156 -6.63 -11.26 9.34
C VAL A 156 -5.75 -11.53 8.13
N ALA A 157 -4.44 -11.38 8.31
CA ALA A 157 -3.44 -11.69 7.28
C ALA A 157 -2.54 -12.81 7.76
N ALA A 158 -2.08 -13.64 6.82
CA ALA A 158 -1.13 -14.70 7.12
C ALA A 158 0.24 -14.11 7.39
N ASN A 159 0.70 -13.28 6.46
CA ASN A 159 1.94 -12.51 6.63
C ASN A 159 1.84 -11.13 5.97
N VAL A 160 2.83 -10.28 6.24
CA VAL A 160 2.86 -8.92 5.73
C VAL A 160 4.23 -8.68 5.07
N ASP A 161 4.56 -9.53 4.11
CA ASP A 161 5.85 -9.47 3.42
C ASP A 161 5.65 -8.66 2.15
N PRO A 162 6.44 -7.57 1.99
CA PRO A 162 6.28 -6.77 0.79
C PRO A 162 6.65 -7.53 -0.49
N THR A 163 7.57 -8.48 -0.38
CA THR A 163 8.06 -9.22 -1.54
C THR A 163 8.05 -10.73 -1.36
N LEU A 164 7.75 -11.42 -2.46
CA LEU A 164 7.93 -12.87 -2.57
C LEU A 164 9.22 -13.08 -3.37
N PRO A 165 10.26 -13.66 -2.74
CA PRO A 165 11.46 -13.95 -3.50
C PRO A 165 11.30 -15.22 -4.33
N THR A 166 11.51 -15.11 -5.64
CA THR A 166 11.44 -16.24 -6.54
C THR A 166 12.67 -16.25 -7.45
N GLU A 167 12.80 -17.30 -8.25
CA GLU A 167 13.89 -17.39 -9.23
C GLU A 167 13.83 -16.24 -10.24
N ARG A 168 12.62 -15.81 -10.57
CA ARG A 168 12.42 -14.73 -11.54
C ARG A 168 12.87 -13.37 -11.01
N GLY A 169 12.85 -13.22 -9.67
CA GLY A 169 13.26 -11.98 -9.01
C GLY A 169 12.46 -11.77 -7.74
N LEU A 170 12.20 -10.50 -7.42
CA LEU A 170 11.39 -10.13 -6.26
C LEU A 170 9.98 -9.74 -6.71
N LEU A 171 9.02 -10.61 -6.44
CA LEU A 171 7.62 -10.41 -6.82
C LEU A 171 6.84 -9.90 -5.61
N PRO A 172 5.61 -9.38 -5.82
CA PRO A 172 4.86 -8.82 -4.70
C PRO A 172 4.32 -9.90 -3.76
N GLY A 173 4.70 -9.83 -2.49
CA GLY A 173 4.26 -10.79 -1.48
C GLY A 173 2.87 -10.44 -0.98
N ASN A 174 2.45 -11.11 0.09
CA ASN A 174 1.14 -10.86 0.67
C ASN A 174 1.02 -9.45 1.27
N GLY A 175 2.15 -8.87 1.67
CA GLY A 175 2.20 -7.51 2.21
C GLY A 175 1.84 -6.43 1.19
N SER A 176 2.10 -6.70 -0.09
CA SER A 176 1.73 -5.77 -1.17
C SER A 176 0.22 -5.76 -1.38
N MET A 177 -0.39 -6.94 -1.31
CA MET A 177 -1.84 -7.08 -1.49
C MET A 177 -2.58 -6.43 -0.33
N VAL A 178 -2.10 -6.69 0.89
CA VAL A 178 -2.61 -6.02 2.09
C VAL A 178 -2.55 -4.49 1.95
N ALA A 179 -1.42 -3.99 1.50
CA ALA A 179 -1.22 -2.55 1.29
C ALA A 179 -2.27 -1.92 0.37
N ALA A 180 -2.75 -2.70 -0.60
CA ALA A 180 -3.83 -2.26 -1.49
C ALA A 180 -5.15 -2.10 -0.73
N LEU A 181 -5.40 -3.00 0.22
CA LEU A 181 -6.59 -2.92 1.08
C LEU A 181 -6.42 -1.91 2.20
N ARG A 182 -5.21 -1.80 2.75
CA ARG A 182 -4.87 -0.74 3.70
C ARG A 182 -5.20 0.64 3.12
N THR A 183 -4.87 0.82 1.85
CA THR A 183 -5.13 2.09 1.16
C THR A 183 -6.62 2.26 0.83
N ALA A 184 -7.23 1.18 0.34
CA ALA A 184 -8.64 1.20 -0.08
C ALA A 184 -9.60 1.40 1.09
N THR A 185 -9.37 0.67 2.17
CA THR A 185 -10.26 0.70 3.34
C THR A 185 -9.83 1.67 4.42
N GLY A 186 -8.51 1.80 4.62
CA GLY A 186 -7.97 2.63 5.70
C GLY A 186 -7.93 1.87 7.02
N MET A 187 -7.74 0.56 6.93
CA MET A 187 -7.75 -0.35 8.09
C MET A 187 -6.54 -1.28 7.95
N ASP A 188 -6.14 -1.92 9.05
CA ASP A 188 -5.01 -2.84 9.06
C ASP A 188 -5.46 -4.25 9.43
N PRO A 189 -4.82 -5.28 8.85
CA PRO A 189 -5.13 -6.65 9.25
C PRO A 189 -4.43 -7.04 10.52
N ARG A 190 -5.02 -7.94 11.29
CA ARG A 190 -4.31 -8.60 12.37
C ARG A 190 -3.48 -9.72 11.76
N VAL A 191 -2.22 -9.82 12.15
CA VAL A 191 -1.30 -10.82 11.60
C VAL A 191 -1.32 -12.08 12.46
N ALA A 192 -1.56 -13.23 11.84
CA ALA A 192 -1.65 -14.51 12.53
C ALA A 192 -0.33 -15.29 12.49
N GLY A 193 0.43 -15.12 11.41
CA GLY A 193 1.74 -15.75 11.28
C GLY A 193 2.81 -15.05 12.11
N LYS A 194 4.03 -15.57 12.02
CA LYS A 194 5.18 -14.94 12.68
C LYS A 194 5.23 -13.46 12.30
N PRO A 195 5.65 -12.57 13.21
CA PRO A 195 6.19 -12.76 14.55
C PRO A 195 5.15 -12.82 15.67
N ALA A 196 3.87 -12.98 15.33
CA ALA A 196 2.84 -13.14 16.35
C ALA A 196 3.08 -14.46 17.09
N PRO A 197 3.20 -14.42 18.44
CA PRO A 197 3.65 -15.57 19.21
C PRO A 197 2.64 -16.69 19.34
N ALA A 198 1.38 -16.41 19.01
CA ALA A 198 0.32 -17.43 19.05
C ALA A 198 0.69 -18.67 18.24
N LEU A 199 1.28 -18.44 17.07
CA LEU A 199 1.70 -19.51 16.17
C LEU A 199 2.66 -20.49 16.85
N MET A 200 3.70 -19.94 17.46
CA MET A 200 4.75 -20.75 18.08
C MET A 200 4.31 -21.39 19.40
N THR A 201 3.61 -20.62 20.22
CA THR A 201 3.19 -21.09 21.54
C THR A 201 2.12 -22.19 21.45
N GLU A 202 1.35 -22.20 20.36
CA GLU A 202 0.38 -23.27 20.12
C GLU A 202 1.08 -24.54 19.64
N ALA A 203 2.19 -24.38 18.91
CA ALA A 203 2.94 -25.51 18.38
C ALA A 203 3.55 -26.38 19.50
N VAL A 204 4.04 -25.75 20.55
CA VAL A 204 4.55 -26.49 21.71
C VAL A 204 3.42 -27.17 22.49
N ALA A 205 2.24 -26.54 22.46
CA ALA A 205 1.05 -27.12 23.10
C ALA A 205 0.59 -28.40 22.42
N ARG A 206 0.79 -28.49 21.10
CA ARG A 206 0.44 -29.69 20.33
C ARG A 206 1.09 -30.98 20.88
N GLY A 207 2.33 -30.88 21.33
CA GLY A 207 3.07 -32.04 21.87
C GLY A 207 3.48 -31.91 23.33
N ASP A 208 3.03 -30.85 23.99
CA ASP A 208 3.35 -30.58 25.41
C ASP A 208 4.86 -30.43 25.66
N PHE A 209 5.58 -29.92 24.68
CA PHE A 209 7.02 -29.74 24.77
C PHE A 209 7.37 -28.62 25.75
N ARG A 210 8.48 -28.79 26.46
CA ARG A 210 8.84 -27.90 27.59
C ARG A 210 10.20 -27.21 27.42
N ALA A 211 10.81 -27.35 26.26
CA ALA A 211 12.10 -26.72 25.97
C ALA A 211 12.28 -26.63 24.46
N ALA A 212 11.44 -25.83 23.82
CA ALA A 212 11.50 -25.63 22.39
C ALA A 212 12.55 -24.60 22.03
N LEU A 213 13.10 -24.72 20.81
CA LEU A 213 14.04 -23.75 20.27
C LEU A 213 13.56 -23.35 18.88
N VAL A 214 13.69 -22.07 18.56
CA VAL A 214 13.32 -21.58 17.23
C VAL A 214 14.58 -21.40 16.38
N VAL A 215 14.49 -21.82 15.12
CA VAL A 215 15.59 -21.68 14.18
C VAL A 215 15.06 -20.93 12.96
N GLY A 216 15.76 -19.88 12.54
CA GLY A 216 15.27 -19.06 11.44
C GLY A 216 16.29 -18.07 10.92
N ASP A 217 16.07 -17.60 9.70
CA ASP A 217 16.99 -16.72 9.00
C ASP A 217 16.60 -15.25 9.07
N ARG A 218 15.47 -14.95 9.68
CA ARG A 218 14.85 -13.64 9.58
C ARG A 218 14.58 -13.03 10.96
N LEU A 219 15.07 -11.82 11.18
CA LEU A 219 14.99 -11.18 12.49
C LEU A 219 13.58 -10.70 12.84
N ASP A 220 12.89 -10.14 11.85
CA ASP A 220 11.58 -9.49 12.09
C ASP A 220 10.41 -10.47 12.26
N THR A 221 10.62 -11.74 11.93
CA THR A 221 9.57 -12.76 12.03
C THR A 221 10.01 -13.90 12.94
N ASP A 222 11.01 -14.66 12.51
CA ASP A 222 11.48 -15.83 13.25
C ASP A 222 11.98 -15.44 14.63
N ILE A 223 12.85 -14.44 14.69
CA ILE A 223 13.49 -14.03 15.95
C ILE A 223 12.57 -13.16 16.79
N GLU A 224 11.94 -12.17 16.16
CA GLU A 224 10.98 -11.31 16.86
C GLU A 224 9.89 -12.14 17.52
N GLY A 225 9.39 -13.13 16.80
CA GLY A 225 8.34 -14.01 17.32
C GLY A 225 8.78 -14.89 18.47
N ALA A 226 10.05 -15.31 18.44
CA ALA A 226 10.61 -16.15 19.50
C ALA A 226 10.71 -15.40 20.83
N ASN A 227 11.11 -14.13 20.75
CA ASN A 227 11.15 -13.26 21.92
C ASN A 227 9.75 -12.92 22.41
N ALA A 228 8.81 -12.75 21.48
CA ALA A 228 7.41 -12.50 21.81
C ALA A 228 6.78 -13.72 22.49
N ALA A 229 7.23 -14.91 22.10
CA ALA A 229 6.71 -16.16 22.66
C ALA A 229 7.49 -16.61 23.90
N GLY A 230 8.58 -15.93 24.20
CA GLY A 230 9.44 -16.27 25.34
C GLY A 230 10.28 -17.52 25.12
N LEU A 231 10.54 -17.85 23.86
CA LEU A 231 11.37 -19.00 23.49
C LEU A 231 12.76 -18.55 23.09
N PRO A 232 13.75 -19.45 23.22
CA PRO A 232 15.09 -19.15 22.70
C PRO A 232 15.10 -19.25 21.18
N SER A 233 16.23 -18.93 20.56
CA SER A 233 16.27 -18.73 19.12
C SER A 233 17.69 -18.77 18.55
N LEU A 234 17.85 -19.53 17.48
CA LEU A 234 19.11 -19.59 16.73
C LEU A 234 18.92 -18.89 15.40
N MET A 235 19.73 -17.87 15.14
CA MET A 235 19.71 -17.17 13.87
C MET A 235 20.77 -17.77 12.95
N VAL A 236 20.38 -18.05 11.71
CA VAL A 236 21.30 -18.59 10.70
C VAL A 236 21.50 -17.58 9.57
N LEU A 237 22.67 -17.63 8.96
CA LEU A 237 23.10 -16.59 8.02
C LEU A 237 22.93 -17.02 6.55
N THR A 238 22.20 -18.09 6.34
CA THR A 238 21.94 -18.62 4.99
C THR A 238 20.81 -17.87 4.26
N GLY A 239 20.07 -17.03 4.99
CA GLY A 239 18.87 -16.40 4.44
C GLY A 239 18.92 -14.89 4.30
N VAL A 240 17.94 -14.23 4.89
CA VAL A 240 17.72 -12.78 4.67
C VAL A 240 18.71 -11.93 5.45
N ASN A 241 18.71 -12.06 6.77
CA ASN A 241 19.49 -11.17 7.63
C ASN A 241 20.92 -11.66 7.86
N SER A 242 21.82 -10.71 7.99
CA SER A 242 23.26 -10.96 8.08
C SER A 242 23.77 -10.71 9.50
N ALA A 243 25.09 -10.79 9.67
CA ALA A 243 25.73 -10.52 10.97
C ALA A 243 25.59 -9.05 11.35
N TRP A 244 25.77 -8.15 10.38
CA TRP A 244 25.54 -6.72 10.61
C TRP A 244 24.16 -6.52 11.22
N ASP A 245 23.16 -7.07 10.56
CA ASP A 245 21.76 -6.94 10.99
C ASP A 245 21.56 -7.46 12.42
N ALA A 246 22.23 -8.55 12.76
CA ALA A 246 22.19 -9.10 14.11
C ALA A 246 22.75 -8.11 15.12
N VAL A 247 23.91 -7.54 14.80
CA VAL A 247 24.60 -6.61 15.69
C VAL A 247 23.75 -5.39 16.01
N TYR A 248 23.20 -4.77 14.96
CA TYR A 248 22.40 -3.56 15.12
C TYR A 248 20.90 -3.81 15.30
N ALA A 249 20.50 -5.06 15.47
CA ALA A 249 19.11 -5.40 15.74
C ALA A 249 18.68 -4.79 17.07
N GLU A 250 17.48 -4.23 17.10
CA GLU A 250 16.91 -3.65 18.33
C GLU A 250 16.44 -4.79 19.25
N PRO A 251 16.31 -4.52 20.57
CA PRO A 251 16.16 -5.58 21.59
C PRO A 251 15.21 -6.72 21.26
N VAL A 252 14.03 -6.38 20.71
CA VAL A 252 12.99 -7.39 20.44
C VAL A 252 13.35 -8.34 19.28
N ARG A 253 14.28 -7.93 18.43
CA ARG A 253 14.70 -8.76 17.29
C ARG A 253 16.09 -9.41 17.47
N ARG A 254 16.54 -9.55 18.72
CA ARG A 254 17.86 -10.12 18.98
C ARG A 254 17.76 -11.62 19.24
N PRO A 255 18.59 -12.40 18.51
CA PRO A 255 18.63 -13.84 18.77
C PRO A 255 19.53 -14.14 19.96
N THR A 256 19.32 -15.30 20.57
CA THR A 256 20.14 -15.73 21.71
C THR A 256 21.38 -16.49 21.20
N TYR A 257 21.19 -17.27 20.14
CA TYR A 257 22.29 -17.98 19.49
C TYR A 257 22.45 -17.52 18.04
N ILE A 258 23.63 -17.79 17.48
CA ILE A 258 23.94 -17.41 16.10
C ILE A 258 24.93 -18.42 15.52
N GLY A 259 24.66 -18.86 14.29
CA GLY A 259 25.50 -19.84 13.60
C GLY A 259 25.46 -19.67 12.10
N HIS A 260 26.31 -20.42 11.40
CA HIS A 260 26.39 -20.35 9.94
C HIS A 260 25.12 -20.90 9.28
N ASP A 261 24.76 -22.12 9.68
CA ASP A 261 23.68 -22.85 9.05
C ASP A 261 23.25 -24.01 9.97
N LEU A 262 22.38 -24.88 9.48
CA LEU A 262 21.80 -25.96 10.31
C LEU A 262 22.80 -26.93 10.93
N ARG A 263 24.07 -26.90 10.50
CA ARG A 263 25.14 -27.63 11.20
C ARG A 263 25.24 -27.19 12.66
N SER A 264 24.93 -25.91 12.92
CA SER A 264 24.99 -25.34 14.27
C SER A 264 24.07 -26.02 15.27
N LEU A 265 23.10 -26.81 14.80
CA LEU A 265 22.28 -27.64 15.67
C LEU A 265 23.07 -28.70 16.43
N HIS A 266 24.29 -29.00 15.96
CA HIS A 266 25.14 -29.99 16.60
C HIS A 266 26.36 -29.41 17.30
N GLN A 267 26.51 -28.09 17.27
CA GLN A 267 27.55 -27.41 18.02
C GLN A 267 27.06 -27.11 19.43
N ASP A 268 27.99 -26.80 20.32
CA ASP A 268 27.67 -26.48 21.72
C ASP A 268 26.86 -25.17 21.78
N SER A 269 25.84 -25.15 22.63
CA SER A 269 25.04 -23.93 22.83
C SER A 269 25.87 -22.82 23.46
N LYS A 270 26.83 -23.21 24.30
CA LYS A 270 27.75 -22.26 24.94
C LYS A 270 28.62 -21.53 23.90
N LEU A 271 29.00 -22.25 22.86
CA LEU A 271 29.81 -21.68 21.76
C LEU A 271 28.99 -20.76 20.86
N LEU A 272 27.75 -21.16 20.59
CA LEU A 272 26.86 -20.40 19.69
C LEU A 272 26.24 -19.17 20.36
N ALA A 273 26.27 -19.13 21.69
CA ALA A 273 25.62 -18.06 22.45
C ALA A 273 26.24 -16.71 22.17
N VAL A 274 25.40 -15.70 22.01
CA VAL A 274 25.86 -14.32 21.88
C VAL A 274 26.38 -13.87 23.24
N ALA A 275 27.69 -13.76 23.36
CA ALA A 275 28.33 -13.45 24.63
C ALA A 275 29.75 -12.93 24.37
N PRO A 276 30.40 -12.37 25.41
CA PRO A 276 31.79 -11.98 25.27
C PRO A 276 32.67 -13.19 24.91
N GLN A 277 33.79 -12.94 24.24
CA GLN A 277 34.61 -14.03 23.71
C GLN A 277 36.06 -13.96 24.21
N PRO A 278 36.67 -15.13 24.49
CA PRO A 278 38.07 -15.20 24.91
C PRO A 278 39.04 -14.63 23.87
N GLY A 279 38.81 -14.95 22.60
CA GLY A 279 39.70 -14.56 21.51
C GLY A 279 39.59 -13.11 21.05
N TRP A 280 38.62 -12.37 21.58
CA TRP A 280 38.43 -10.97 21.19
C TRP A 280 38.21 -10.06 22.40
N GLN A 281 39.11 -9.09 22.56
CA GLN A 281 38.94 -8.04 23.56
C GLN A 281 38.33 -6.81 22.89
N ILE A 282 37.35 -6.20 23.55
CA ILE A 282 36.58 -5.09 22.98
C ILE A 282 36.61 -3.86 23.87
N ASP A 283 36.84 -2.70 23.26
CA ASP A 283 36.77 -1.41 23.94
C ASP A 283 35.63 -0.58 23.34
N VAL A 284 34.62 -0.31 24.14
CA VAL A 284 33.47 0.50 23.74
C VAL A 284 33.65 1.92 24.29
N GLY A 285 33.96 2.86 23.40
CA GLY A 285 34.16 4.25 23.79
C GLY A 285 34.45 5.18 22.63
N GLY A 286 34.00 6.42 22.74
CA GLY A 286 34.18 7.42 21.67
C GLY A 286 33.33 7.10 20.46
N GLY A 287 32.12 6.60 20.70
CA GLY A 287 31.19 6.21 19.63
C GLY A 287 31.71 5.11 18.71
N ALA A 288 32.62 4.29 19.22
CA ALA A 288 33.26 3.25 18.43
C ALA A 288 33.47 1.98 19.26
N VAL A 289 33.43 0.85 18.59
CA VAL A 289 33.68 -0.45 19.21
C VAL A 289 34.99 -1.00 18.62
N THR A 290 36.05 -0.95 19.42
CA THR A 290 37.38 -1.35 18.96
C THR A 290 37.67 -2.79 19.36
N VAL A 291 37.99 -3.63 18.37
CA VAL A 291 38.21 -5.06 18.58
C VAL A 291 39.66 -5.43 18.30
N CYS A 292 40.33 -5.98 19.30
CA CYS A 292 41.71 -6.49 19.14
C CYS A 292 41.74 -7.99 19.40
N ALA A 293 42.69 -8.68 18.75
CA ALA A 293 42.98 -10.08 19.04
C ALA A 293 43.55 -10.15 20.45
N ASN A 294 43.16 -11.17 21.21
CA ASN A 294 43.44 -11.22 22.64
C ASN A 294 44.70 -12.04 22.97
N GLY A 295 45.06 -12.09 24.25
CA GLY A 295 46.27 -12.76 24.71
C GLY A 295 46.10 -14.25 24.93
N ASP A 296 47.05 -14.85 25.65
CA ASP A 296 47.04 -16.28 25.94
C ASP A 296 45.95 -16.64 26.95
N ILE A 303 37.63 -24.10 20.15
CA ILE A 303 37.93 -23.92 18.73
C ILE A 303 36.88 -23.02 18.08
N ASP A 304 37.32 -22.12 17.20
CA ASP A 304 36.45 -21.16 16.56
C ASP A 304 35.78 -21.75 15.32
N ASP A 305 34.49 -21.46 15.16
CA ASP A 305 33.74 -21.83 13.96
C ASP A 305 33.69 -20.69 12.94
N GLY A 306 34.29 -19.55 13.27
CA GLY A 306 34.40 -18.41 12.36
C GLY A 306 33.45 -17.26 12.67
N LEU A 307 32.65 -17.40 13.72
CA LEU A 307 31.66 -16.40 14.11
C LEU A 307 31.87 -15.82 15.51
N SER A 308 32.95 -16.18 16.18
CA SER A 308 33.23 -15.69 17.53
C SER A 308 33.26 -14.17 17.59
N ILE A 309 33.84 -13.55 16.56
CA ILE A 309 33.92 -12.09 16.50
C ILE A 309 32.55 -11.42 16.35
N VAL A 310 31.65 -12.07 15.64
CA VAL A 310 30.27 -11.58 15.49
C VAL A 310 29.57 -11.58 16.83
N ARG A 311 29.75 -12.66 17.58
CA ARG A 311 29.11 -12.82 18.89
C ARG A 311 29.70 -11.84 19.91
N ALA A 312 31.03 -11.67 19.87
CA ALA A 312 31.71 -10.72 20.74
C ALA A 312 31.22 -9.30 20.52
N VAL A 313 31.18 -8.88 19.26
CA VAL A 313 30.75 -7.52 18.90
C VAL A 313 29.28 -7.30 19.24
N ALA A 314 28.44 -8.25 18.84
CA ALA A 314 27.00 -8.18 19.13
C ALA A 314 26.76 -8.03 20.63
N SER A 315 27.42 -8.86 21.42
CA SER A 315 27.31 -8.81 22.87
C SER A 315 27.75 -7.45 23.43
N ALA A 316 28.84 -6.92 22.88
CA ALA A 316 29.37 -5.62 23.30
C ALA A 316 28.41 -4.48 22.95
N VAL A 317 27.88 -4.52 21.74
CA VAL A 317 26.94 -3.50 21.27
C VAL A 317 25.62 -3.55 22.04
N TRP A 318 25.12 -4.75 22.29
CA TRP A 318 23.85 -4.92 23.01
C TRP A 318 23.98 -4.47 24.47
N GLU A 319 25.15 -4.67 25.05
CA GLU A 319 25.40 -4.26 26.45
C GLU A 319 25.47 -2.74 26.58
N ALA A 320 25.85 -2.08 25.48
CA ALA A 320 25.86 -0.61 25.41
C ALA A 320 24.84 -0.11 24.39
N ARG A 328 22.01 7.37 18.90
CA ARG A 328 23.46 7.22 18.93
C ARG A 328 23.89 5.89 18.31
N PRO A 329 24.23 5.89 17.01
CA PRO A 329 24.78 4.68 16.38
C PRO A 329 26.27 4.50 16.67
N LEU A 330 26.71 3.25 16.74
CA LEU A 330 28.08 2.91 17.14
C LEU A 330 28.88 2.28 15.99
N ARG A 331 30.06 2.84 15.74
CA ARG A 331 30.95 2.33 14.68
C ARG A 331 31.73 1.12 15.18
N ILE A 332 32.17 0.29 14.24
CA ILE A 332 32.98 -0.89 14.55
C ILE A 332 34.32 -0.76 13.83
N GLU A 333 35.40 -0.65 14.60
CA GLU A 333 36.75 -0.48 14.05
C GLU A 333 37.68 -1.58 14.53
N ALA A 334 38.74 -1.82 13.76
CA ALA A 334 39.74 -2.83 14.10
C ALA A 334 40.93 -2.20 14.84
N GLY A 335 41.37 -2.87 15.90
CA GLY A 335 42.52 -2.44 16.69
C GLY A 335 43.83 -3.06 16.24
N ASP A 336 43.75 -4.18 15.53
CA ASP A 336 44.92 -4.80 14.91
C ASP A 336 44.52 -5.51 13.60
N GLU A 337 45.50 -6.11 12.92
CA GLU A 337 45.28 -6.73 11.61
C GLU A 337 44.35 -7.94 11.66
N ARG A 338 44.66 -8.89 12.54
CA ARG A 338 43.87 -10.12 12.69
C ARG A 338 42.37 -9.83 12.78
N ALA A 339 42.02 -8.93 13.69
CA ALA A 339 40.63 -8.51 13.88
C ALA A 339 40.02 -7.89 12.64
N ARG A 340 40.82 -7.11 11.91
CA ARG A 340 40.33 -6.44 10.69
C ARG A 340 39.93 -7.44 9.62
N ALA A 341 40.71 -8.51 9.48
CA ALA A 341 40.42 -9.57 8.52
C ALA A 341 39.12 -10.28 8.89
N ALA A 342 38.99 -10.63 10.16
CA ALA A 342 37.79 -11.29 10.67
C ALA A 342 36.56 -10.41 10.49
N LEU A 343 36.67 -9.14 10.85
CA LEU A 343 35.58 -8.19 10.70
C LEU A 343 35.18 -8.01 9.23
N GLN A 344 36.17 -7.82 8.37
CA GLN A 344 35.94 -7.67 6.93
C GLN A 344 35.23 -8.88 6.31
N ARG A 345 35.51 -10.06 6.84
CA ARG A 345 34.89 -11.29 6.37
C ARG A 345 33.36 -11.25 6.53
N TRP A 346 32.90 -10.55 7.58
CA TRP A 346 31.47 -10.40 7.86
C TRP A 346 30.98 -8.96 7.61
N SER A 347 31.62 -8.27 6.66
CA SER A 347 31.39 -6.84 6.42
C SER A 347 31.70 -6.02 7.68
N LEU A 348 30.68 -5.64 8.44
CA LEU A 348 30.85 -5.02 9.76
C LEU A 348 31.62 -3.68 9.82
N MET A 349 32.38 -3.36 8.76
CA MET A 349 33.20 -2.14 8.71
C MET A 349 32.82 -1.29 7.51
N MET B 9 -19.09 41.70 -19.53
CA MET B 9 -20.43 41.73 -18.88
C MET B 9 -21.06 40.34 -18.95
N LYS B 10 -22.11 40.18 -18.16
CA LYS B 10 -22.94 38.99 -18.22
C LYS B 10 -22.33 37.74 -17.58
N SER B 11 -22.87 36.57 -17.93
CA SER B 11 -22.61 35.33 -17.22
C SER B 11 -21.18 34.87 -17.31
N ILE B 12 -20.79 33.99 -16.39
CA ILE B 12 -19.41 33.50 -16.29
C ILE B 12 -19.00 32.64 -17.49
N ALA B 13 -19.93 31.87 -18.03
CA ALA B 13 -19.65 31.02 -19.21
C ALA B 13 -19.23 31.84 -20.42
N GLN B 14 -19.79 33.04 -20.53
CA GLN B 14 -19.46 33.97 -21.61
C GLN B 14 -18.08 34.62 -21.42
N GLU B 15 -17.66 34.74 -20.17
CA GLU B 15 -16.38 35.37 -19.83
C GLU B 15 -15.16 34.49 -20.08
N HIS B 16 -15.38 33.24 -20.50
CA HIS B 16 -14.28 32.29 -20.65
C HIS B 16 -14.33 31.50 -21.97
N ASP B 17 -13.15 31.38 -22.59
CA ASP B 17 -12.95 30.64 -23.84
C ASP B 17 -13.57 29.25 -23.84
N CYS B 18 -13.06 28.41 -22.95
CA CYS B 18 -13.45 27.00 -22.89
C CYS B 18 -13.53 26.52 -21.45
N LEU B 19 -14.32 25.48 -21.24
CA LEU B 19 -14.53 24.92 -19.90
C LEU B 19 -13.97 23.51 -19.78
N LEU B 20 -13.00 23.33 -18.88
CA LEU B 20 -12.49 22.02 -18.51
C LEU B 20 -13.37 21.49 -17.39
N ILE B 21 -14.26 20.57 -17.73
CA ILE B 21 -15.32 20.13 -16.82
C ILE B 21 -15.12 18.69 -16.36
N ASP B 22 -15.06 18.49 -15.05
CA ASP B 22 -15.00 17.15 -14.45
C ASP B 22 -16.29 16.39 -14.75
N LEU B 23 -16.17 15.10 -15.02
CA LEU B 23 -17.35 14.25 -15.25
C LEU B 23 -18.01 13.88 -13.93
N ASP B 24 -17.34 13.01 -13.18
CA ASP B 24 -17.98 12.30 -12.08
C ASP B 24 -18.20 13.18 -10.86
N GLY B 25 -19.47 13.30 -10.46
CA GLY B 25 -19.88 14.14 -9.34
C GLY B 25 -20.19 15.57 -9.73
N THR B 26 -20.06 15.87 -11.03
CA THR B 26 -20.21 17.23 -11.55
C THR B 26 -21.22 17.26 -12.71
N VAL B 27 -20.96 16.44 -13.72
CA VAL B 27 -21.86 16.30 -14.87
C VAL B 27 -22.93 15.28 -14.55
N PHE B 28 -22.49 14.08 -14.14
CA PHE B 28 -23.41 13.03 -13.70
C PHE B 28 -22.98 12.45 -12.36
N CYS B 29 -23.96 11.96 -11.60
CA CYS B 29 -23.70 11.26 -10.34
C CYS B 29 -24.01 9.77 -10.52
N GLY B 30 -23.04 9.07 -11.09
CA GLY B 30 -23.18 7.64 -11.38
C GLY B 30 -24.10 7.33 -12.55
N ARG B 31 -25.34 7.03 -12.24
CA ARG B 31 -26.34 6.61 -13.23
C ARG B 31 -27.05 7.81 -13.87
N GLN B 32 -27.19 8.89 -13.11
CA GLN B 32 -28.07 10.00 -13.48
C GLN B 32 -27.26 11.28 -13.73
N PRO B 33 -27.67 12.07 -14.74
CA PRO B 33 -27.06 13.40 -14.90
C PRO B 33 -27.43 14.34 -13.75
N THR B 34 -26.53 15.25 -13.41
CA THR B 34 -26.71 16.11 -12.23
C THR B 34 -27.83 17.15 -12.42
N GLY B 35 -28.13 17.88 -11.35
CA GLY B 35 -29.21 18.86 -11.32
C GLY B 35 -29.17 19.86 -12.45
N GLY B 36 -30.02 19.65 -13.46
CA GLY B 36 -30.13 20.56 -14.60
C GLY B 36 -28.84 20.66 -15.41
N ALA B 37 -28.13 19.54 -15.51
CA ALA B 37 -26.85 19.48 -16.21
C ALA B 37 -27.02 19.51 -17.72
N VAL B 38 -28.02 18.78 -18.21
CA VAL B 38 -28.24 18.63 -19.65
C VAL B 38 -28.74 19.96 -20.23
N GLN B 39 -29.72 20.55 -19.56
CA GLN B 39 -30.26 21.85 -19.96
C GLN B 39 -29.18 22.93 -19.98
N SER B 40 -28.36 22.97 -18.93
CA SER B 40 -27.39 24.04 -18.75
C SER B 40 -26.24 24.02 -19.77
N LEU B 41 -25.77 22.81 -20.11
CA LEU B 41 -24.62 22.66 -21.01
C LEU B 41 -24.97 22.93 -22.48
N SER B 42 -26.24 22.79 -22.83
CA SER B 42 -26.71 23.13 -24.18
C SER B 42 -26.75 24.65 -24.41
N GLN B 43 -26.79 25.41 -23.33
CA GLN B 43 -26.95 26.88 -23.41
C GLN B 43 -25.65 27.68 -23.26
N VAL B 44 -24.49 27.02 -23.34
CA VAL B 44 -23.20 27.73 -23.35
C VAL B 44 -22.59 27.69 -24.75
N ARG B 45 -22.03 28.83 -25.17
CA ARG B 45 -21.36 28.95 -26.47
C ARG B 45 -19.89 28.56 -26.37
N SER B 46 -19.30 28.69 -25.18
CA SER B 46 -17.90 28.35 -24.95
C SER B 46 -17.64 26.86 -25.16
N ARG B 47 -16.41 26.54 -25.55
CA ARG B 47 -16.02 25.18 -25.95
C ARG B 47 -15.96 24.26 -24.72
N LYS B 48 -16.76 23.20 -24.74
CA LYS B 48 -16.89 22.31 -23.58
C LYS B 48 -15.96 21.11 -23.68
N LEU B 49 -15.01 21.03 -22.76
CA LEU B 49 -14.10 19.88 -22.67
C LEU B 49 -14.39 19.06 -21.42
N PHE B 50 -14.65 17.78 -21.62
CA PHE B 50 -14.97 16.86 -20.52
C PHE B 50 -13.69 16.20 -20.00
N VAL B 51 -13.36 16.51 -18.74
CA VAL B 51 -12.13 16.04 -18.10
C VAL B 51 -12.42 14.89 -17.15
N THR B 52 -11.71 13.77 -17.32
CA THR B 52 -11.82 12.63 -16.42
C THR B 52 -10.44 12.15 -15.98
N ASN B 53 -10.33 11.77 -14.71
CA ASN B 53 -9.11 11.16 -14.18
C ASN B 53 -9.10 9.65 -14.38
N ASN B 54 -10.22 9.08 -14.82
CA ASN B 54 -10.33 7.65 -15.09
C ASN B 54 -9.62 7.28 -16.39
N ALA B 55 -8.94 6.14 -16.37
CA ALA B 55 -8.15 5.67 -17.52
C ALA B 55 -8.60 4.29 -18.01
N SER B 56 -9.75 3.81 -17.55
CA SER B 56 -10.26 2.49 -17.92
C SER B 56 -10.98 2.53 -19.27
N ARG B 57 -11.77 3.57 -19.48
CA ARG B 57 -12.44 3.82 -20.77
C ARG B 57 -11.51 4.60 -21.69
N SER B 58 -11.72 4.45 -23.00
CA SER B 58 -11.01 5.23 -24.01
C SER B 58 -11.72 6.57 -24.26
N ALA B 59 -11.20 7.36 -25.19
CA ALA B 59 -11.75 8.68 -25.50
C ALA B 59 -13.20 8.61 -25.96
N ASP B 60 -13.47 7.72 -26.91
CA ASP B 60 -14.83 7.54 -27.47
C ASP B 60 -15.79 6.93 -26.45
N GLU B 61 -15.33 5.89 -25.75
CA GLU B 61 -16.15 5.19 -24.75
C GLU B 61 -16.75 6.12 -23.71
N VAL B 62 -15.97 7.10 -23.27
CA VAL B 62 -16.45 8.12 -22.32
C VAL B 62 -17.51 9.00 -23.00
N ALA B 63 -17.26 9.37 -24.24
CA ALA B 63 -18.20 10.20 -25.01
C ALA B 63 -19.52 9.47 -25.26
N ALA B 64 -19.44 8.15 -25.46
CA ALA B 64 -20.62 7.31 -25.66
C ALA B 64 -21.52 7.32 -24.42
N HIS B 65 -20.89 7.15 -23.26
CA HIS B 65 -21.60 7.20 -21.97
C HIS B 65 -22.29 8.55 -21.74
N LEU B 66 -21.67 9.61 -22.22
CA LEU B 66 -22.28 10.95 -22.19
C LEU B 66 -23.49 11.02 -23.10
N CYS B 67 -23.36 10.44 -24.30
CA CYS B 67 -24.48 10.38 -25.26
C CYS B 67 -25.66 9.58 -24.72
N GLU B 68 -25.38 8.51 -23.98
CA GLU B 68 -26.41 7.70 -23.33
C GLU B 68 -27.14 8.42 -22.19
N LEU B 69 -26.51 9.44 -21.62
CA LEU B 69 -27.11 10.23 -20.55
C LEU B 69 -27.83 11.48 -21.07
N GLY B 70 -27.82 11.67 -22.39
CA GLY B 70 -28.52 12.79 -23.03
C GLY B 70 -27.65 13.98 -23.38
N PHE B 71 -26.34 13.82 -23.26
CA PHE B 71 -25.39 14.88 -23.63
C PHE B 71 -24.88 14.67 -25.06
N THR B 72 -24.43 15.75 -25.69
CA THR B 72 -23.83 15.69 -27.02
C THR B 72 -22.31 15.77 -26.90
N ALA B 73 -21.63 14.68 -27.22
CA ALA B 73 -20.17 14.64 -27.15
C ALA B 73 -19.56 13.53 -28.00
N THR B 74 -18.34 13.79 -28.48
CA THR B 74 -17.53 12.80 -29.17
C THR B 74 -16.15 12.79 -28.51
N GLY B 75 -15.32 11.83 -28.92
CA GLY B 75 -14.00 11.62 -28.32
C GLY B 75 -13.05 12.82 -28.31
N GLU B 76 -13.20 13.71 -29.29
CA GLU B 76 -12.38 14.91 -29.37
C GLU B 76 -12.74 15.96 -28.31
N ASP B 77 -13.92 15.82 -27.71
CA ASP B 77 -14.36 16.68 -26.61
C ASP B 77 -13.85 16.20 -25.25
N VAL B 78 -13.43 14.94 -25.17
CA VAL B 78 -13.07 14.30 -23.91
C VAL B 78 -11.55 14.31 -23.68
N VAL B 79 -11.15 14.60 -22.44
CA VAL B 79 -9.75 14.62 -22.02
C VAL B 79 -9.55 13.64 -20.87
N THR B 80 -8.89 12.51 -21.15
CA THR B 80 -8.64 11.49 -20.13
C THR B 80 -7.22 11.61 -19.58
N SER B 81 -6.99 11.03 -18.40
CA SER B 81 -5.66 10.98 -17.79
C SER B 81 -4.78 9.92 -18.47
N ALA B 82 -5.41 9.02 -19.23
CA ALA B 82 -4.68 8.08 -20.08
C ALA B 82 -3.98 8.81 -21.23
N GLN B 83 -4.64 9.84 -21.76
CA GLN B 83 -4.07 10.68 -22.81
C GLN B 83 -2.92 11.54 -22.28
N SER B 84 -3.11 12.13 -21.11
CA SER B 84 -2.07 12.99 -20.51
C SER B 84 -0.84 12.17 -20.11
N ALA B 85 -1.08 10.95 -19.62
CA ALA B 85 0.01 10.03 -19.28
C ALA B 85 0.79 9.63 -20.53
N ALA B 86 0.06 9.41 -21.63
CA ALA B 86 0.68 9.08 -22.91
C ALA B 86 1.62 10.18 -23.36
N HIS B 87 1.17 11.43 -23.24
CA HIS B 87 2.01 12.58 -23.61
C HIS B 87 3.22 12.71 -22.70
N LEU B 88 3.03 12.48 -21.42
CA LEU B 88 4.12 12.55 -20.43
C LEU B 88 5.24 11.59 -20.82
N LEU B 89 4.86 10.35 -21.14
CA LEU B 89 5.79 9.28 -21.50
C LEU B 89 6.54 9.58 -22.79
N ALA B 90 5.77 9.87 -23.84
CA ALA B 90 6.33 10.24 -25.14
C ALA B 90 7.20 11.50 -25.03
N GLY B 91 6.88 12.34 -24.05
CA GLY B 91 7.68 13.52 -23.73
C GLY B 91 9.05 13.22 -23.17
N GLN B 92 9.29 11.99 -22.73
CA GLN B 92 10.62 11.58 -22.27
C GLN B 92 10.89 10.08 -22.40
N LEU B 93 10.59 9.56 -23.59
CA LEU B 93 11.03 8.25 -24.03
C LEU B 93 11.24 8.28 -25.54
N ALA B 94 12.23 7.54 -26.01
CA ALA B 94 12.54 7.48 -27.44
C ALA B 94 11.32 6.96 -28.23
N PRO B 95 11.07 7.53 -29.42
CA PRO B 95 9.98 7.02 -30.26
C PRO B 95 10.05 5.51 -30.40
N GLY B 96 8.93 4.83 -30.14
CA GLY B 96 8.90 3.38 -30.14
C GLY B 96 9.70 2.78 -29.00
N ALA B 97 9.64 3.42 -27.84
CA ALA B 97 10.15 2.82 -26.60
C ALA B 97 9.10 1.88 -26.06
N ARG B 98 9.54 0.86 -25.32
CA ARG B 98 8.64 -0.15 -24.79
C ARG B 98 8.06 0.27 -23.44
N VAL B 99 6.74 0.21 -23.33
CA VAL B 99 6.02 0.63 -22.13
C VAL B 99 5.12 -0.51 -21.66
N LEU B 100 5.42 -1.08 -20.49
CA LEU B 100 4.60 -2.14 -19.92
C LEU B 100 3.29 -1.56 -19.39
N ILE B 101 2.18 -2.17 -19.79
CA ILE B 101 0.85 -1.67 -19.44
C ILE B 101 0.25 -2.42 -18.25
N VAL B 102 -0.24 -1.65 -17.30
CA VAL B 102 -1.12 -2.17 -16.25
C VAL B 102 -2.42 -1.39 -16.38
N GLY B 103 -3.47 -2.09 -16.79
CA GLY B 103 -4.76 -1.45 -17.08
C GLY B 103 -5.44 -2.05 -18.30
N THR B 104 -6.50 -1.38 -18.75
CA THR B 104 -7.28 -1.85 -19.89
C THR B 104 -6.56 -1.54 -21.19
N GLU B 105 -7.07 -2.09 -22.29
CA GLU B 105 -6.52 -1.85 -23.62
C GLU B 105 -6.75 -0.40 -24.08
N ALA B 106 -7.76 0.26 -23.51
CA ALA B 106 -8.00 1.68 -23.76
C ALA B 106 -6.79 2.53 -23.37
N LEU B 107 -6.08 2.08 -22.34
CA LEU B 107 -4.81 2.71 -21.93
C LEU B 107 -3.72 2.38 -22.95
N ALA B 108 -3.57 1.09 -23.24
CA ALA B 108 -2.55 0.60 -24.19
C ALA B 108 -2.71 1.20 -25.59
N ASN B 109 -3.92 1.59 -25.96
CA ASN B 109 -4.16 2.29 -27.23
C ASN B 109 -3.53 3.66 -27.27
N GLU B 110 -3.67 4.41 -26.18
CA GLU B 110 -3.14 5.77 -26.10
C GLU B 110 -1.60 5.78 -26.11
N VAL B 111 -1.01 4.72 -25.57
CA VAL B 111 0.44 4.51 -25.64
C VAL B 111 0.86 4.27 -27.09
N ALA B 112 0.12 3.42 -27.78
CA ALA B 112 0.35 3.17 -29.21
C ALA B 112 0.09 4.43 -30.04
N ALA B 113 -0.96 5.17 -29.67
CA ALA B 113 -1.38 6.37 -30.40
C ALA B 113 -0.38 7.53 -30.32
N VAL B 114 0.55 7.48 -29.35
CA VAL B 114 1.63 8.48 -29.26
C VAL B 114 2.98 7.93 -29.72
N GLY B 115 2.94 6.86 -30.51
CA GLY B 115 4.14 6.32 -31.15
C GLY B 115 5.07 5.51 -30.27
N LEU B 116 4.55 5.09 -29.12
CA LEU B 116 5.28 4.17 -28.23
C LEU B 116 4.74 2.76 -28.45
N ARG B 117 5.39 1.77 -27.84
CA ARG B 117 5.04 0.37 -28.08
C ARG B 117 4.51 -0.30 -26.79
N PRO B 118 3.18 -0.48 -26.68
CA PRO B 118 2.59 -1.07 -25.49
C PRO B 118 2.94 -2.56 -25.33
N VAL B 119 3.48 -2.91 -24.17
CA VAL B 119 3.96 -4.27 -23.87
C VAL B 119 3.25 -4.79 -22.63
N ARG B 120 3.27 -6.10 -22.41
CA ARG B 120 2.51 -6.73 -21.32
C ARG B 120 3.29 -7.63 -20.35
N ARG B 121 4.59 -7.80 -20.55
CA ARG B 121 5.41 -8.57 -19.60
C ARG B 121 6.88 -8.17 -19.57
N PHE B 122 7.54 -8.53 -18.47
CA PHE B 122 8.87 -8.05 -18.14
C PHE B 122 9.99 -8.64 -19.01
N GLU B 123 9.74 -9.80 -19.62
CA GLU B 123 10.74 -10.41 -20.51
C GLU B 123 10.83 -9.66 -21.84
N ASP B 124 9.74 -8.99 -22.23
CA ASP B 124 9.82 -7.89 -23.19
C ASP B 124 10.51 -6.77 -22.43
N ARG B 125 11.33 -5.97 -23.10
CA ARG B 125 12.25 -5.05 -22.40
C ARG B 125 11.68 -3.63 -22.26
N PRO B 126 10.83 -3.39 -21.24
CA PRO B 126 10.15 -2.10 -21.21
C PRO B 126 11.01 -1.03 -20.55
N ASP B 127 11.06 0.15 -21.17
CA ASP B 127 11.79 1.28 -20.61
C ASP B 127 10.93 2.01 -19.57
N ALA B 128 9.62 1.77 -19.60
CA ALA B 128 8.70 2.42 -18.69
C ALA B 128 7.51 1.53 -18.33
N VAL B 129 6.77 1.95 -17.31
CA VAL B 129 5.54 1.29 -16.89
C VAL B 129 4.47 2.37 -16.72
N VAL B 130 3.32 2.17 -17.34
CA VAL B 130 2.17 3.05 -17.11
C VAL B 130 1.10 2.24 -16.39
N GLN B 131 0.39 2.90 -15.48
CA GLN B 131 -0.58 2.23 -14.64
C GLN B 131 -1.90 2.97 -14.56
N GLY B 132 -2.98 2.26 -14.92
CA GLY B 132 -4.34 2.75 -14.78
C GLY B 132 -5.23 1.60 -14.33
N LEU B 133 -6.38 1.93 -13.75
CA LEU B 133 -7.25 0.90 -13.18
C LEU B 133 -7.89 0.02 -14.24
N SER B 134 -7.82 -1.29 -14.03
CA SER B 134 -8.54 -2.26 -14.82
C SER B 134 -9.10 -3.34 -13.91
N MET B 135 -10.38 -3.65 -14.10
CA MET B 135 -11.10 -4.56 -13.20
C MET B 135 -10.76 -6.04 -13.39
N THR B 136 -9.82 -6.34 -14.30
CA THR B 136 -9.28 -7.69 -14.44
C THR B 136 -7.76 -7.78 -14.18
N THR B 137 -7.16 -6.69 -13.69
CA THR B 137 -5.75 -6.71 -13.32
C THR B 137 -5.54 -7.67 -12.15
N GLY B 138 -4.63 -8.62 -12.33
CA GLY B 138 -4.35 -9.65 -11.33
C GLY B 138 -2.94 -9.57 -10.79
N TRP B 139 -2.62 -10.48 -9.88
CA TRP B 139 -1.29 -10.54 -9.27
C TRP B 139 -0.21 -10.68 -10.35
N SER B 140 -0.46 -11.57 -11.30
CA SER B 140 0.46 -11.82 -12.43
C SER B 140 0.86 -10.54 -13.15
N ASP B 141 -0.10 -9.63 -13.32
CA ASP B 141 0.14 -8.35 -14.00
C ASP B 141 0.98 -7.40 -13.14
N LEU B 142 0.70 -7.36 -11.84
CA LEU B 142 1.48 -6.57 -10.89
C LEU B 142 2.90 -7.08 -10.79
N ALA B 143 3.06 -8.40 -10.82
CA ALA B 143 4.37 -9.05 -10.76
C ALA B 143 5.27 -8.64 -11.92
N GLU B 144 4.70 -8.56 -13.12
CA GLU B 144 5.44 -8.11 -14.29
C GLU B 144 5.91 -6.66 -14.11
N ALA B 145 5.00 -5.82 -13.64
CA ALA B 145 5.30 -4.41 -13.36
C ALA B 145 6.33 -4.26 -12.24
N ALA B 146 6.20 -5.08 -11.21
CA ALA B 146 7.11 -5.05 -10.06
C ALA B 146 8.55 -5.33 -10.46
N LEU B 147 8.75 -6.31 -11.34
CA LEU B 147 10.09 -6.64 -11.85
C LEU B 147 10.65 -5.49 -12.69
N ALA B 148 9.79 -4.91 -13.52
CA ALA B 148 10.18 -3.78 -14.37
C ALA B 148 10.63 -2.57 -13.56
N ILE B 149 9.84 -2.21 -12.55
CA ILE B 149 10.09 -1.03 -11.72
C ILE B 149 11.36 -1.20 -10.87
N ARG B 150 11.58 -2.41 -10.37
CA ARG B 150 12.80 -2.72 -9.61
C ARG B 150 14.06 -2.58 -10.47
N ALA B 151 13.92 -2.86 -11.76
CA ALA B 151 15.02 -2.73 -12.72
C ALA B 151 15.23 -1.29 -13.21
N GLY B 152 14.44 -0.34 -12.70
CA GLY B 152 14.63 1.07 -12.98
C GLY B 152 13.72 1.65 -14.06
N ALA B 153 12.67 0.93 -14.43
CA ALA B 153 11.73 1.40 -15.44
C ALA B 153 10.99 2.63 -14.96
N LEU B 154 10.75 3.57 -15.87
CA LEU B 154 10.03 4.81 -15.56
C LEU B 154 8.55 4.52 -15.28
N TRP B 155 8.10 4.87 -14.07
CA TRP B 155 6.77 4.48 -13.61
C TRP B 155 5.79 5.66 -13.62
N VAL B 156 4.71 5.51 -14.36
CA VAL B 156 3.66 6.52 -14.43
C VAL B 156 2.34 5.93 -13.98
N ALA B 157 1.58 6.72 -13.23
CA ALA B 157 0.23 6.33 -12.80
C ALA B 157 -0.76 7.35 -13.36
N ALA B 158 -1.90 6.86 -13.84
CA ALA B 158 -2.94 7.71 -14.41
C ALA B 158 -3.54 8.60 -13.32
N ASN B 159 -3.95 7.96 -12.22
CA ASN B 159 -4.41 8.66 -11.03
C ASN B 159 -4.09 7.84 -9.79
N VAL B 160 -4.23 8.46 -8.62
CA VAL B 160 -3.93 7.83 -7.34
C VAL B 160 -5.10 8.07 -6.38
N ASP B 161 -6.28 7.58 -6.76
CA ASP B 161 -7.44 7.63 -5.89
C ASP B 161 -7.45 6.33 -5.12
N PRO B 162 -7.59 6.40 -3.78
CA PRO B 162 -7.61 5.16 -3.01
C PRO B 162 -8.88 4.34 -3.24
N THR B 163 -10.01 5.01 -3.49
CA THR B 163 -11.29 4.32 -3.66
C THR B 163 -11.96 4.61 -5.00
N LEU B 164 -12.83 3.68 -5.38
CA LEU B 164 -13.66 3.79 -6.57
C LEU B 164 -15.11 3.63 -6.10
N PRO B 165 -15.89 4.73 -6.07
CA PRO B 165 -17.27 4.61 -5.58
C PRO B 165 -18.21 3.97 -6.61
N THR B 166 -19.02 3.03 -6.14
CA THR B 166 -19.99 2.33 -6.99
C THR B 166 -21.28 2.06 -6.21
N GLU B 167 -22.26 1.43 -6.86
CA GLU B 167 -23.52 1.10 -6.21
C GLU B 167 -23.38 0.06 -5.10
N ARG B 168 -22.39 -0.81 -5.20
CA ARG B 168 -22.14 -1.84 -4.19
C ARG B 168 -21.50 -1.24 -2.95
N GLY B 169 -20.60 -0.28 -3.16
CA GLY B 169 -19.89 0.39 -2.07
C GLY B 169 -18.61 1.05 -2.56
N LEU B 170 -17.74 1.44 -1.63
CA LEU B 170 -16.44 2.03 -1.98
C LEU B 170 -15.42 0.94 -2.30
N LEU B 171 -15.15 0.76 -3.59
CA LEU B 171 -14.24 -0.28 -4.07
C LEU B 171 -12.82 0.25 -4.22
N PRO B 172 -11.82 -0.63 -4.35
CA PRO B 172 -10.43 -0.18 -4.50
C PRO B 172 -10.17 0.54 -5.82
N GLY B 173 -9.60 1.74 -5.74
CA GLY B 173 -9.26 2.55 -6.92
C GLY B 173 -7.86 2.25 -7.42
N ASN B 174 -7.39 3.06 -8.36
CA ASN B 174 -6.05 2.88 -8.93
C ASN B 174 -4.96 3.07 -7.88
N GLY B 175 -5.15 4.06 -7.01
CA GLY B 175 -4.22 4.34 -5.92
C GLY B 175 -3.93 3.13 -5.03
N SER B 176 -4.92 2.27 -4.86
CA SER B 176 -4.75 1.03 -4.10
C SER B 176 -3.85 0.03 -4.83
N MET B 177 -3.98 -0.04 -6.15
CA MET B 177 -3.12 -0.89 -6.97
C MET B 177 -1.70 -0.34 -6.97
N VAL B 178 -1.60 0.98 -7.05
CA VAL B 178 -0.31 1.67 -6.95
C VAL B 178 0.36 1.41 -5.60
N ALA B 179 -0.45 1.37 -4.54
CA ALA B 179 0.05 1.12 -3.19
C ALA B 179 0.70 -0.26 -3.04
N ALA B 180 0.23 -1.23 -3.83
CA ALA B 180 0.79 -2.58 -3.83
C ALA B 180 2.17 -2.60 -4.48
N LEU B 181 2.31 -1.88 -5.59
CA LEU B 181 3.58 -1.75 -6.30
C LEU B 181 4.55 -0.85 -5.53
N ARG B 182 4.03 0.18 -4.86
CA ARG B 182 4.83 1.02 -3.97
C ARG B 182 5.52 0.17 -2.91
N THR B 183 4.75 -0.75 -2.32
CA THR B 183 5.25 -1.64 -1.28
C THR B 183 6.23 -2.68 -1.82
N ALA B 184 5.89 -3.27 -2.96
CA ALA B 184 6.73 -4.30 -3.58
C ALA B 184 8.08 -3.77 -4.05
N THR B 185 8.09 -2.54 -4.56
CA THR B 185 9.27 -1.96 -5.19
C THR B 185 9.97 -0.89 -4.35
N GLY B 186 9.24 -0.31 -3.39
CA GLY B 186 9.78 0.73 -2.51
C GLY B 186 9.96 2.07 -3.20
N MET B 187 9.16 2.29 -4.25
CA MET B 187 9.28 3.49 -5.08
C MET B 187 7.92 4.15 -5.25
N ASP B 188 7.91 5.35 -5.82
CA ASP B 188 6.66 6.05 -6.16
C ASP B 188 6.54 6.18 -7.67
N PRO B 189 5.30 6.26 -8.18
CA PRO B 189 5.08 6.65 -9.56
C PRO B 189 4.90 8.15 -9.68
N ARG B 190 5.17 8.69 -10.87
CA ARG B 190 4.84 10.07 -11.17
C ARG B 190 3.39 10.13 -11.65
N VAL B 191 2.60 10.99 -11.02
CA VAL B 191 1.16 11.07 -11.31
C VAL B 191 0.92 11.99 -12.52
N ALA B 192 0.20 11.47 -13.52
CA ALA B 192 0.01 12.16 -14.80
C ALA B 192 -1.27 12.98 -14.87
N GLY B 193 -2.35 12.46 -14.30
CA GLY B 193 -3.65 13.14 -14.32
C GLY B 193 -3.74 14.22 -13.25
N LYS B 194 -4.96 14.70 -12.99
CA LYS B 194 -5.19 15.68 -11.93
C LYS B 194 -4.77 15.02 -10.61
N PRO B 195 -4.17 15.81 -9.68
CA PRO B 195 -4.00 17.26 -9.66
C PRO B 195 -2.76 17.81 -10.38
N ALA B 196 -2.14 17.02 -11.26
CA ALA B 196 -1.03 17.54 -12.07
C ALA B 196 -1.57 18.47 -13.16
N PRO B 197 -0.94 19.64 -13.35
CA PRO B 197 -1.46 20.66 -14.26
C PRO B 197 -1.28 20.37 -15.75
N ALA B 198 -0.42 19.41 -16.09
CA ALA B 198 -0.12 19.07 -17.49
C ALA B 198 -1.37 18.65 -18.26
N LEU B 199 -2.24 17.89 -17.60
CA LEU B 199 -3.51 17.43 -18.17
C LEU B 199 -4.37 18.61 -18.63
N MET B 200 -4.49 19.61 -17.75
CA MET B 200 -5.28 20.80 -18.03
C MET B 200 -4.56 21.75 -18.98
N THR B 201 -3.25 21.91 -18.78
CA THR B 201 -2.45 22.86 -19.57
C THR B 201 -2.35 22.44 -21.05
N GLU B 202 -2.43 21.13 -21.29
CA GLU B 202 -2.46 20.58 -22.65
C GLU B 202 -3.83 20.81 -23.30
N ALA B 203 -4.89 20.59 -22.52
CA ALA B 203 -6.27 20.73 -23.01
C ALA B 203 -6.56 22.12 -23.57
N VAL B 204 -6.03 23.16 -22.92
CA VAL B 204 -6.17 24.53 -23.41
C VAL B 204 -5.28 24.81 -24.63
N ALA B 205 -4.15 24.11 -24.71
CA ALA B 205 -3.23 24.24 -25.86
C ALA B 205 -3.83 23.66 -27.14
N ARG B 206 -4.65 22.61 -27.00
CA ARG B 206 -5.33 21.98 -28.15
C ARG B 206 -5.98 23.01 -29.08
N GLY B 207 -6.85 23.84 -28.52
CA GLY B 207 -7.53 24.90 -29.28
C GLY B 207 -7.04 26.30 -28.96
N ASP B 208 -5.77 26.40 -28.56
CA ASP B 208 -5.11 27.67 -28.24
C ASP B 208 -6.07 28.66 -27.55
N PHE B 209 -6.62 28.24 -26.42
CA PHE B 209 -7.57 29.06 -25.67
C PHE B 209 -6.85 30.02 -24.73
N ARG B 210 -7.32 31.27 -24.71
CA ARG B 210 -6.68 32.36 -23.98
C ARG B 210 -7.29 32.64 -22.60
N ALA B 211 -8.50 32.11 -22.35
CA ALA B 211 -9.20 32.34 -21.07
C ALA B 211 -10.10 31.17 -20.69
N ALA B 212 -9.48 30.11 -20.17
CA ALA B 212 -10.19 28.88 -19.79
C ALA B 212 -10.63 28.88 -18.32
N LEU B 213 -11.59 28.00 -18.01
CA LEU B 213 -12.14 27.86 -16.66
C LEU B 213 -12.24 26.38 -16.28
N VAL B 214 -11.98 26.08 -15.01
CA VAL B 214 -12.11 24.72 -14.49
C VAL B 214 -13.39 24.59 -13.66
N VAL B 215 -14.16 23.55 -13.95
CA VAL B 215 -15.38 23.25 -13.19
C VAL B 215 -15.31 21.82 -12.69
N GLY B 216 -15.40 21.64 -11.38
CA GLY B 216 -15.31 20.31 -10.78
C GLY B 216 -15.89 20.22 -9.37
N ASP B 217 -16.13 18.99 -8.94
CA ASP B 217 -16.76 18.71 -7.64
C ASP B 217 -15.77 18.51 -6.51
N ARG B 218 -14.50 18.29 -6.86
CA ARG B 218 -13.51 17.79 -5.93
C ARG B 218 -12.35 18.78 -5.77
N LEU B 219 -12.01 19.09 -4.52
CA LEU B 219 -10.97 20.08 -4.21
C LEU B 219 -9.57 19.57 -4.57
N ASP B 220 -9.26 18.36 -4.14
CA ASP B 220 -7.90 17.83 -4.22
C ASP B 220 -7.46 17.33 -5.60
N THR B 221 -8.32 17.48 -6.61
CA THR B 221 -7.96 17.14 -7.99
C THR B 221 -8.35 18.27 -8.95
N ASP B 222 -9.64 18.59 -8.99
CA ASP B 222 -10.15 19.59 -9.93
C ASP B 222 -9.69 20.99 -9.56
N ILE B 223 -9.87 21.37 -8.29
CA ILE B 223 -9.51 22.71 -7.83
C ILE B 223 -8.00 22.84 -7.63
N GLU B 224 -7.41 21.86 -6.95
CA GLU B 224 -5.96 21.83 -6.71
C GLU B 224 -5.18 21.87 -8.03
N GLY B 225 -5.67 21.15 -9.03
CA GLY B 225 -5.05 21.12 -10.36
C GLY B 225 -5.21 22.43 -11.12
N ALA B 226 -6.32 23.12 -10.89
CA ALA B 226 -6.57 24.43 -11.52
C ALA B 226 -5.58 25.48 -11.04
N ASN B 227 -5.36 25.52 -9.72
CA ASN B 227 -4.40 26.46 -9.12
C ASN B 227 -2.96 26.14 -9.54
N ALA B 228 -2.66 24.85 -9.65
CA ALA B 228 -1.36 24.39 -10.16
C ALA B 228 -1.16 24.80 -11.61
N ALA B 229 -2.24 24.80 -12.39
CA ALA B 229 -2.20 25.22 -13.79
C ALA B 229 -2.32 26.75 -13.95
N GLY B 230 -2.51 27.45 -12.84
CA GLY B 230 -2.67 28.90 -12.87
C GLY B 230 -3.98 29.34 -13.49
N LEU B 231 -5.03 28.55 -13.25
CA LEU B 231 -6.35 28.80 -13.83
C LEU B 231 -7.37 29.09 -12.74
N PRO B 232 -8.42 29.85 -13.08
CA PRO B 232 -9.54 30.02 -12.17
C PRO B 232 -10.37 28.74 -12.10
N SER B 233 -11.32 28.71 -11.17
CA SER B 233 -12.05 27.47 -10.88
C SER B 233 -13.42 27.73 -10.26
N LEU B 234 -14.41 26.98 -10.71
CA LEU B 234 -15.77 27.03 -10.16
C LEU B 234 -16.11 25.69 -9.53
N MET B 235 -16.20 25.67 -8.20
CA MET B 235 -16.52 24.45 -7.46
C MET B 235 -18.03 24.24 -7.41
N VAL B 236 -18.48 23.04 -7.77
CA VAL B 236 -19.89 22.66 -7.62
C VAL B 236 -20.08 21.72 -6.42
N LEU B 237 -21.28 21.74 -5.87
CA LEU B 237 -21.58 21.04 -4.61
C LEU B 237 -22.40 19.77 -4.81
N THR B 238 -22.30 19.15 -5.97
CA THR B 238 -23.07 17.95 -6.30
C THR B 238 -22.30 16.65 -6.08
N GLY B 239 -21.03 16.76 -5.67
CA GLY B 239 -20.13 15.60 -5.62
C GLY B 239 -19.46 15.33 -4.29
N VAL B 240 -18.15 15.18 -4.32
CA VAL B 240 -17.38 14.67 -3.18
C VAL B 240 -17.32 15.68 -2.03
N ASN B 241 -16.90 16.90 -2.34
CA ASN B 241 -16.64 17.90 -1.31
C ASN B 241 -17.82 18.84 -1.07
N SER B 242 -17.92 19.31 0.18
CA SER B 242 -19.06 20.10 0.65
C SER B 242 -18.71 21.58 0.81
N ALA B 243 -19.71 22.37 1.18
CA ALA B 243 -19.52 23.76 1.54
C ALA B 243 -18.49 23.90 2.66
N TRP B 244 -18.66 23.10 3.71
CA TRP B 244 -17.73 23.05 4.85
C TRP B 244 -16.29 22.81 4.39
N ASP B 245 -16.10 21.86 3.47
CA ASP B 245 -14.77 21.53 2.98
C ASP B 245 -14.11 22.71 2.26
N ALA B 246 -14.93 23.51 1.58
CA ALA B 246 -14.44 24.70 0.89
C ALA B 246 -13.98 25.77 1.88
N VAL B 247 -14.75 25.97 2.95
CA VAL B 247 -14.44 26.99 3.95
C VAL B 247 -13.06 26.73 4.57
N TYR B 248 -12.83 25.48 4.94
CA TYR B 248 -11.61 25.08 5.66
C TYR B 248 -10.51 24.52 4.75
N ALA B 249 -10.61 24.78 3.45
CA ALA B 249 -9.64 24.26 2.48
C ALA B 249 -8.28 24.95 2.64
N GLU B 250 -7.21 24.14 2.58
CA GLU B 250 -5.84 24.66 2.60
C GLU B 250 -5.52 25.39 1.29
N PRO B 251 -4.64 26.41 1.34
CA PRO B 251 -4.49 27.40 0.25
C PRO B 251 -4.47 26.84 -1.16
N VAL B 252 -3.71 25.77 -1.36
CA VAL B 252 -3.52 25.18 -2.69
C VAL B 252 -4.80 24.53 -3.26
N ARG B 253 -5.81 24.31 -2.43
CA ARG B 253 -7.06 23.67 -2.86
C ARG B 253 -8.29 24.58 -2.84
N ARG B 254 -8.06 25.89 -2.86
CA ARG B 254 -9.15 26.86 -2.73
C ARG B 254 -9.70 27.31 -4.10
N PRO B 255 -11.00 27.10 -4.36
CA PRO B 255 -11.59 27.57 -5.60
C PRO B 255 -11.84 29.08 -5.57
N THR B 256 -12.06 29.67 -6.74
CA THR B 256 -12.28 31.12 -6.81
C THR B 256 -13.78 31.42 -6.89
N TYR B 257 -14.52 30.56 -7.59
CA TYR B 257 -15.98 30.63 -7.65
C TYR B 257 -16.60 29.40 -7.00
N ILE B 258 -17.89 29.49 -6.67
CA ILE B 258 -18.61 28.41 -5.98
C ILE B 258 -20.11 28.56 -6.21
N GLY B 259 -20.75 27.48 -6.66
CA GLY B 259 -22.18 27.49 -6.96
C GLY B 259 -22.86 26.14 -6.79
N HIS B 260 -24.19 26.15 -6.73
CA HIS B 260 -24.99 24.95 -6.48
C HIS B 260 -24.63 23.79 -7.43
N ASP B 261 -24.85 24.02 -8.73
CA ASP B 261 -24.64 23.01 -9.75
C ASP B 261 -24.29 23.68 -11.09
N LEU B 262 -24.63 23.05 -12.21
CA LEU B 262 -24.25 23.58 -13.52
C LEU B 262 -25.10 24.76 -14.01
N ARG B 263 -26.20 25.05 -13.31
CA ARG B 263 -26.96 26.28 -13.54
C ARG B 263 -26.14 27.52 -13.22
N SER B 264 -25.05 27.33 -12.46
CA SER B 264 -24.12 28.40 -12.11
C SER B 264 -23.39 29.01 -13.30
N LEU B 265 -23.25 28.26 -14.39
CA LEU B 265 -22.57 28.75 -15.59
C LEU B 265 -23.27 29.97 -16.18
N HIS B 266 -24.59 30.03 -16.01
CA HIS B 266 -25.41 31.13 -16.52
C HIS B 266 -25.63 32.22 -15.46
N GLN B 267 -25.08 32.03 -14.28
CA GLN B 267 -25.06 33.07 -13.25
C GLN B 267 -23.91 34.03 -13.50
N ASP B 268 -23.99 35.19 -12.85
CA ASP B 268 -22.97 36.23 -12.99
C ASP B 268 -21.71 35.82 -12.23
N SER B 269 -20.55 36.01 -12.85
CA SER B 269 -19.27 35.57 -12.27
C SER B 269 -18.93 36.29 -10.97
N LYS B 270 -19.43 37.50 -10.80
CA LYS B 270 -19.21 38.30 -9.58
C LYS B 270 -20.09 37.79 -8.42
N LEU B 271 -21.19 37.14 -8.76
CA LEU B 271 -22.14 36.60 -7.78
C LEU B 271 -21.59 35.31 -7.15
N LEU B 272 -21.06 34.43 -7.99
CA LEU B 272 -20.50 33.14 -7.55
C LEU B 272 -19.19 33.29 -6.78
N ALA B 273 -18.45 34.35 -7.06
CA ALA B 273 -17.08 34.53 -6.57
C ALA B 273 -16.96 34.51 -5.05
N VAL B 274 -15.88 33.87 -4.56
CA VAL B 274 -15.59 33.85 -3.13
C VAL B 274 -15.01 35.21 -2.73
N ALA B 275 -15.82 35.97 -1.99
CA ALA B 275 -15.48 37.35 -1.65
C ALA B 275 -16.42 37.85 -0.54
N PRO B 276 -16.13 39.03 0.05
CA PRO B 276 -17.06 39.57 1.05
C PRO B 276 -18.44 39.86 0.47
N GLN B 277 -19.46 39.80 1.32
CA GLN B 277 -20.85 40.00 0.88
C GLN B 277 -21.49 41.19 1.60
N PRO B 278 -22.19 42.07 0.87
CA PRO B 278 -22.96 43.15 1.50
C PRO B 278 -24.12 42.66 2.37
N GLY B 279 -24.61 41.44 2.10
CA GLY B 279 -25.69 40.85 2.89
C GLY B 279 -25.25 40.21 4.21
N TRP B 280 -23.94 40.11 4.43
CA TRP B 280 -23.41 39.45 5.63
C TRP B 280 -22.24 40.22 6.27
N GLN B 281 -22.43 40.61 7.53
CA GLN B 281 -21.38 41.29 8.32
C GLN B 281 -20.59 40.26 9.13
N ILE B 282 -19.28 40.19 8.88
CA ILE B 282 -18.43 39.18 9.49
C ILE B 282 -17.31 39.79 10.33
N ASP B 283 -17.14 39.27 11.55
CA ASP B 283 -16.10 39.72 12.48
C ASP B 283 -15.25 38.54 12.92
N VAL B 284 -13.96 38.56 12.58
CA VAL B 284 -13.02 37.53 13.03
C VAL B 284 -12.57 37.84 14.46
N GLY B 285 -13.15 37.15 15.43
CA GLY B 285 -12.84 37.35 16.85
C GLY B 285 -11.82 36.38 17.39
N GLY B 286 -11.79 36.24 18.71
CA GLY B 286 -10.83 35.38 19.40
C GLY B 286 -11.12 33.90 19.20
N GLY B 287 -10.57 33.34 18.12
CA GLY B 287 -10.76 31.94 17.78
C GLY B 287 -12.05 31.64 17.02
N ALA B 288 -12.76 32.69 16.61
CA ALA B 288 -14.08 32.53 16.00
C ALA B 288 -14.34 33.54 14.88
N VAL B 289 -15.10 33.09 13.88
CA VAL B 289 -15.66 33.97 12.86
C VAL B 289 -17.14 34.15 13.20
N THR B 290 -17.57 35.42 13.33
CA THR B 290 -18.94 35.74 13.72
C THR B 290 -19.69 36.37 12.55
N VAL B 291 -20.90 35.89 12.28
CA VAL B 291 -21.70 36.35 11.14
C VAL B 291 -23.03 36.97 11.58
N CYS B 292 -23.25 38.21 11.16
CA CYS B 292 -24.55 38.89 11.31
C CYS B 292 -25.09 39.25 9.93
N ALA B 293 -26.40 39.46 9.86
CA ALA B 293 -27.07 39.80 8.60
C ALA B 293 -27.15 41.31 8.38
N ASN B 294 -27.62 41.70 7.20
CA ASN B 294 -27.88 43.10 6.86
C ASN B 294 -29.32 43.30 6.42
N ASP B 304 -29.68 36.53 -4.04
CA ASP B 304 -29.00 35.41 -3.41
C ASP B 304 -29.61 34.08 -3.84
N ASP B 305 -28.81 33.28 -4.54
CA ASP B 305 -29.20 31.90 -4.91
C ASP B 305 -29.31 30.99 -3.69
N GLY B 306 -28.65 31.37 -2.60
CA GLY B 306 -28.65 30.60 -1.35
C GLY B 306 -27.26 30.30 -0.82
N LEU B 307 -26.23 30.69 -1.57
CA LEU B 307 -24.84 30.37 -1.24
C LEU B 307 -23.98 31.58 -0.84
N SER B 308 -24.60 32.75 -0.70
CA SER B 308 -23.88 33.98 -0.38
C SER B 308 -23.14 33.85 0.95
N ILE B 309 -23.85 33.38 1.97
CA ILE B 309 -23.26 33.19 3.31
C ILE B 309 -22.03 32.29 3.28
N VAL B 310 -22.08 31.25 2.47
CA VAL B 310 -20.95 30.32 2.32
C VAL B 310 -19.74 31.06 1.74
N ARG B 311 -20.00 31.90 0.74
CA ARG B 311 -18.96 32.71 0.10
C ARG B 311 -18.40 33.76 1.06
N ALA B 312 -19.28 34.31 1.90
CA ALA B 312 -18.90 35.31 2.89
C ALA B 312 -17.93 34.74 3.90
N VAL B 313 -18.32 33.63 4.52
CA VAL B 313 -17.52 32.98 5.56
C VAL B 313 -16.21 32.46 4.99
N ALA B 314 -16.30 31.73 3.87
CA ALA B 314 -15.13 31.22 3.18
C ALA B 314 -14.07 32.29 2.98
N SER B 315 -14.51 33.41 2.40
CA SER B 315 -13.63 34.55 2.11
C SER B 315 -12.91 35.05 3.36
N ALA B 316 -13.64 35.12 4.47
CA ALA B 316 -13.08 35.58 5.75
C ALA B 316 -11.98 34.65 6.27
N VAL B 317 -12.28 33.35 6.29
CA VAL B 317 -11.35 32.34 6.81
C VAL B 317 -10.05 32.31 6.01
N TRP B 318 -10.17 32.42 4.69
CA TRP B 318 -9.00 32.36 3.80
C TRP B 318 -8.08 33.55 4.01
N GLU B 319 -8.66 34.74 4.12
CA GLU B 319 -7.89 35.96 4.38
C GLU B 319 -7.07 35.85 5.67
N ALA B 320 -7.71 35.30 6.70
CA ALA B 320 -7.03 35.05 7.97
C ALA B 320 -6.09 33.84 7.85
N GLN B 327 -2.40 25.81 12.31
CA GLN B 327 -3.19 26.53 13.31
C GLN B 327 -4.49 25.77 13.60
N ARG B 328 -5.17 26.18 14.67
CA ARG B 328 -6.47 25.58 15.04
C ARG B 328 -7.55 26.08 14.08
N PRO B 329 -8.46 25.18 13.65
CA PRO B 329 -9.59 25.59 12.81
C PRO B 329 -10.51 26.62 13.50
N LEU B 330 -10.83 27.69 12.77
CA LEU B 330 -11.70 28.75 13.30
C LEU B 330 -13.15 28.30 13.40
N ARG B 331 -13.78 28.58 14.53
CA ARG B 331 -15.19 28.26 14.73
C ARG B 331 -16.06 29.27 14.00
N ILE B 332 -17.09 28.78 13.31
CA ILE B 332 -18.06 29.64 12.65
C ILE B 332 -19.28 29.71 13.56
N GLU B 333 -19.68 30.93 13.92
CA GLU B 333 -20.76 31.14 14.89
C GLU B 333 -21.69 32.28 14.44
N ALA B 334 -22.93 32.25 14.92
CA ALA B 334 -24.00 33.13 14.42
C ALA B 334 -24.32 34.31 15.36
N GLY B 335 -24.63 35.45 14.76
CA GLY B 335 -24.95 36.67 15.50
C GLY B 335 -26.44 37.01 15.59
N ASP B 336 -27.27 36.33 14.80
CA ASP B 336 -28.73 36.48 14.87
C ASP B 336 -29.45 35.23 14.35
N GLU B 337 -30.78 35.26 14.39
CA GLU B 337 -31.61 34.13 13.92
C GLU B 337 -31.41 33.84 12.44
N ARG B 338 -31.34 34.90 11.63
CA ARG B 338 -31.19 34.77 10.18
C ARG B 338 -29.87 34.10 9.77
N ALA B 339 -28.82 34.34 10.55
CA ALA B 339 -27.51 33.72 10.29
C ALA B 339 -27.50 32.24 10.66
N ARG B 340 -28.00 31.93 11.87
CA ARG B 340 -28.01 30.55 12.40
C ARG B 340 -28.72 29.57 11.47
N ALA B 341 -29.86 29.99 10.93
CA ALA B 341 -30.69 29.14 10.08
C ALA B 341 -30.03 28.84 8.73
N ALA B 342 -29.39 29.86 8.16
CA ALA B 342 -28.65 29.71 6.91
C ALA B 342 -27.40 28.86 7.10
N LEU B 343 -26.69 29.08 8.20
CA LEU B 343 -25.48 28.32 8.52
C LEU B 343 -25.80 26.84 8.71
N GLN B 344 -26.76 26.53 9.57
CA GLN B 344 -27.19 25.15 9.81
C GLN B 344 -27.72 24.45 8.55
N ARG B 345 -28.27 25.23 7.62
CA ARG B 345 -28.69 24.69 6.33
C ARG B 345 -27.49 24.19 5.52
N TRP B 346 -26.33 24.81 5.73
CA TRP B 346 -25.07 24.40 5.10
C TRP B 346 -24.11 23.67 6.06
N SER B 347 -24.62 23.26 7.22
CA SER B 347 -23.82 22.72 8.33
C SER B 347 -23.07 23.84 9.07
N LEU B 348 -21.74 23.90 8.98
CA LEU B 348 -20.95 25.00 9.55
C LEU B 348 -21.04 25.20 11.07
N MET B 349 -21.97 24.51 11.73
CA MET B 349 -22.07 24.49 13.19
C MET B 349 -22.99 23.38 13.66
#